data_1T5L
#
_entry.id   1T5L
#
_cell.length_a   150.815
_cell.length_b   150.815
_cell.length_c   159.832
_cell.angle_alpha   90.00
_cell.angle_beta   90.00
_cell.angle_gamma   120.00
#
_symmetry.space_group_name_H-M   'P 32 2 1'
#
loop_
_entity.id
_entity.type
_entity.pdbx_description
1 polymer 'UvrABC system protein B'
2 non-polymer 'ZINC ION'
3 water water
#
_entity_poly.entity_id   1
_entity_poly.type   'polypeptide(L)'
_entity_poly.pdbx_seq_one_letter_code
;VEGRFQLVAPYEPQGDQPQAIAKLVDGLRRGVKHQTLLGATGTGKTFTISNVIAQVNKPTLVIAHNKTLAGQLYSELKEF
FPHNAVEYFVSYYDYAQPEAYVPQTDTYIEKDAKINDEIDKLRHSATSALFERRDVIIVASVSCIYGLGSPEEYRELVVS
LRVGMEIERNALLRRLVDIQYDRNDIDFRRGTFRVRGDVVEIFPASRDEHCIRVEFFGDEIERIREVDALTGEVLGEREH
VAIFPASHFVTREEKMRLAIQNIEQELEERLAELRAQGKLLEAQRLEQRTRYDLEMMREMGFCSGIENYSRHLALRPPGS
TPYTLLDYFPDDFLIIVDESHVTLPQLRGMYNGDRARKQVLVDHGFRLPSALDNRPLTFEEFEQKINQIIYVSATPGPYE
LEHSPGVVEQIIRPTGLLDPTIDVRPTKGQIDDLIGEIRERVERNERTLVTTLTKKMAEDLTDYLKEAGIKVAYLHSEIK
TLERIEIIRDLRLGKYDVLVGINLLREGLDIPEVSLVAILDADKEGFLRSERSLIQTIGRAARNANGHVIMYADTITKSM
EIAIQETKRRRAIQEEYNRKHGIVPRTVKKEIRDVIRATYAAEETEMYEAKPAAAMTKQEREELIRTLEAEMKEAAKALD
FERAAQLRDIIFELKAEG
;
_entity_poly.pdbx_strand_id   A,B
#
loop_
_chem_comp.id
_chem_comp.type
_chem_comp.name
_chem_comp.formula
ZN non-polymer 'ZINC ION' 'Zn 2'
#
# COMPACT_ATOMS: atom_id res chain seq x y z
N VAL A 1 6.94 11.63 -8.40
CA VAL A 1 8.36 12.09 -8.06
C VAL A 1 9.46 11.10 -8.51
N GLU A 2 10.37 11.55 -9.38
CA GLU A 2 11.40 10.67 -9.96
C GLU A 2 12.75 10.56 -9.27
N GLY A 3 13.37 9.40 -9.51
CA GLY A 3 14.73 9.09 -9.08
C GLY A 3 15.63 9.76 -10.11
N ARG A 4 16.28 10.84 -9.67
CA ARG A 4 17.17 11.63 -10.53
C ARG A 4 18.68 11.47 -10.31
N PHE A 5 19.44 11.74 -11.35
CA PHE A 5 20.87 11.73 -11.23
C PHE A 5 21.31 12.87 -10.35
N GLN A 6 22.24 12.53 -9.45
CA GLN A 6 22.93 13.47 -8.57
C GLN A 6 24.42 13.30 -8.85
N LEU A 7 25.01 14.25 -9.57
CA LEU A 7 26.42 14.12 -9.92
C LEU A 7 27.32 14.59 -8.80
N VAL A 8 28.22 13.70 -8.36
CA VAL A 8 29.15 14.04 -7.28
C VAL A 8 30.57 14.25 -7.80
N ALA A 9 30.93 15.51 -7.99
CA ALA A 9 32.28 15.85 -8.45
C ALA A 9 32.96 16.90 -7.52
N PRO A 10 34.18 16.60 -7.06
CA PRO A 10 34.93 17.56 -6.24
C PRO A 10 35.20 18.83 -7.05
N TYR A 11 35.11 18.74 -8.37
CA TYR A 11 35.33 19.90 -9.22
C TYR A 11 34.03 20.49 -9.81
N GLU A 12 34.22 21.52 -10.64
CA GLU A 12 33.20 22.24 -11.36
C GLU A 12 33.65 22.04 -12.82
N PRO A 13 32.83 22.30 -13.85
CA PRO A 13 33.30 22.17 -15.23
C PRO A 13 34.21 23.35 -15.60
N GLN A 14 35.22 23.15 -16.45
CA GLN A 14 36.14 24.23 -16.81
C GLN A 14 36.75 24.10 -18.21
N GLY A 15 37.30 25.19 -18.72
CA GLY A 15 37.94 25.24 -20.04
C GLY A 15 36.87 25.59 -21.05
N ASP A 16 36.65 24.71 -22.02
CA ASP A 16 35.55 24.94 -22.95
C ASP A 16 34.48 23.90 -22.64
N GLN A 17 34.64 23.22 -21.51
CA GLN A 17 33.66 22.24 -21.04
C GLN A 17 32.30 22.94 -20.90
N PRO A 18 32.13 23.87 -19.94
CA PRO A 18 30.84 24.59 -19.80
C PRO A 18 30.09 24.88 -21.11
N GLN A 19 30.76 25.32 -22.18
CA GLN A 19 30.13 25.63 -23.46
C GLN A 19 29.62 24.35 -24.16
N ALA A 20 30.43 23.30 -24.08
CA ALA A 20 30.13 22.02 -24.72
C ALA A 20 28.98 21.29 -24.06
N ILE A 21 28.96 21.31 -22.73
CA ILE A 21 27.90 20.73 -21.93
C ILE A 21 26.62 21.40 -22.40
N ALA A 22 26.61 22.73 -22.42
CA ALA A 22 25.45 23.51 -22.86
C ALA A 22 24.96 23.12 -24.27
N LYS A 23 25.83 23.04 -25.28
CA LYS A 23 25.38 22.67 -26.63
C LYS A 23 24.74 21.29 -26.66
N LEU A 24 25.43 20.32 -26.08
CA LEU A 24 24.89 18.97 -26.06
C LEU A 24 23.63 18.85 -25.21
N VAL A 25 23.54 19.63 -24.14
CA VAL A 25 22.34 19.63 -23.31
C VAL A 25 21.24 20.31 -24.12
N ASP A 26 21.55 21.42 -24.79
CA ASP A 26 20.59 22.11 -25.66
C ASP A 26 20.22 21.22 -26.87
N GLY A 27 21.22 20.57 -27.47
CA GLY A 27 20.93 19.68 -28.57
C GLY A 27 19.82 18.71 -28.13
N LEU A 28 20.15 17.85 -27.15
CA LEU A 28 19.23 16.87 -26.59
C LEU A 28 17.85 17.42 -26.22
N ARG A 29 17.78 18.67 -25.77
CA ARG A 29 16.50 19.28 -25.42
C ARG A 29 15.74 19.77 -26.66
N ARG A 30 16.45 20.38 -27.63
CA ARG A 30 15.89 20.78 -28.93
C ARG A 30 15.44 19.52 -29.69
N GLY A 31 16.07 18.40 -29.39
CA GLY A 31 15.62 17.13 -29.92
C GLY A 31 16.48 16.60 -31.03
N VAL A 32 17.74 16.96 -31.02
CA VAL A 32 18.62 16.52 -32.08
C VAL A 32 18.80 14.99 -32.02
N LYS A 33 18.77 14.31 -33.18
CA LYS A 33 18.98 12.85 -33.19
C LYS A 33 20.48 12.49 -32.93
N HIS A 34 21.37 13.08 -33.74
CA HIS A 34 22.80 12.77 -33.71
C HIS A 34 23.69 13.94 -33.36
N GLN A 35 24.53 13.79 -32.35
CA GLN A 35 25.49 14.83 -32.01
C GLN A 35 26.88 14.17 -31.79
N THR A 36 27.92 14.95 -32.09
CA THR A 36 29.30 14.51 -31.96
C THR A 36 30.10 15.44 -31.04
N LEU A 37 30.68 14.83 -30.00
CA LEU A 37 31.53 15.53 -29.08
C LEU A 37 32.93 15.24 -29.50
N LEU A 38 33.53 16.15 -30.27
CA LEU A 38 34.95 16.09 -30.64
C LEU A 38 35.76 16.62 -29.43
N GLY A 39 36.29 15.75 -28.62
CA GLY A 39 36.96 16.21 -27.42
C GLY A 39 38.39 15.74 -27.41
N ALA A 40 39.31 16.69 -27.19
CA ALA A 40 40.71 16.34 -27.20
C ALA A 40 40.98 15.51 -25.96
N THR A 41 42.03 14.73 -26.05
CA THR A 41 42.43 13.90 -24.93
C THR A 41 42.83 14.85 -23.81
N GLY A 42 42.68 14.47 -22.57
CA GLY A 42 43.11 15.33 -21.48
C GLY A 42 42.07 16.35 -21.07
N THR A 43 41.02 16.50 -21.85
CA THR A 43 39.96 17.30 -21.34
C THR A 43 39.00 16.29 -20.68
N GLY A 44 38.13 16.76 -19.79
CA GLY A 44 37.21 15.82 -19.15
C GLY A 44 36.05 15.33 -20.01
N LYS A 45 36.29 14.44 -20.98
CA LYS A 45 35.21 14.00 -21.86
C LYS A 45 34.10 13.34 -21.02
N THR A 46 34.51 12.33 -20.26
CA THR A 46 33.65 11.51 -19.41
C THR A 46 32.88 12.34 -18.40
N PHE A 47 33.54 13.35 -17.85
CA PHE A 47 32.92 14.27 -16.91
C PHE A 47 31.97 15.29 -17.63
N THR A 48 32.19 15.50 -18.93
CA THR A 48 31.37 16.41 -19.74
C THR A 48 30.10 15.65 -20.05
N ILE A 49 30.26 14.38 -20.30
CA ILE A 49 29.12 13.59 -20.62
C ILE A 49 28.30 13.38 -19.37
N SER A 50 28.99 13.05 -18.27
CA SER A 50 28.32 12.93 -16.95
C SER A 50 27.51 14.16 -16.63
N ASN A 51 27.92 15.33 -17.11
CA ASN A 51 27.16 16.58 -16.91
C ASN A 51 25.94 16.62 -17.86
N VAL A 52 26.08 16.00 -19.02
CA VAL A 52 25.01 16.02 -19.97
C VAL A 52 23.89 15.18 -19.39
N ILE A 53 24.23 13.92 -19.10
CA ILE A 53 23.36 12.91 -18.53
C ILE A 53 22.68 13.41 -17.27
N ALA A 54 23.44 13.95 -16.31
CA ALA A 54 22.83 14.44 -15.05
C ALA A 54 21.74 15.51 -15.27
N GLN A 55 22.02 16.45 -16.17
CA GLN A 55 21.09 17.51 -16.54
C GLN A 55 19.86 17.06 -17.35
N VAL A 56 19.95 15.99 -18.13
CA VAL A 56 18.78 15.54 -18.93
C VAL A 56 17.86 14.42 -18.33
N ASN A 57 18.36 13.78 -17.28
CA ASN A 57 17.69 12.70 -16.56
C ASN A 57 17.07 11.64 -17.45
N LYS A 58 17.93 11.03 -18.27
CA LYS A 58 17.47 9.95 -19.13
C LYS A 58 18.22 8.63 -18.86
N PRO A 59 17.51 7.52 -18.91
CA PRO A 59 18.21 6.22 -18.81
C PRO A 59 19.24 6.27 -19.96
N THR A 60 20.45 5.76 -19.73
CA THR A 60 21.47 5.93 -20.73
C THR A 60 22.31 4.71 -20.95
N LEU A 61 22.59 4.46 -22.21
CA LEU A 61 23.46 3.39 -22.62
C LEU A 61 24.74 4.08 -23.08
N VAL A 62 25.87 3.56 -22.62
CA VAL A 62 27.13 4.05 -23.05
C VAL A 62 27.89 2.85 -23.52
N ILE A 63 28.29 2.92 -24.78
CA ILE A 63 28.90 1.80 -25.43
C ILE A 63 30.39 2.04 -25.56
N ALA A 64 31.18 1.03 -25.13
CA ALA A 64 32.63 1.10 -25.13
C ALA A 64 33.08 0.01 -26.02
N HIS A 65 34.32 -0.02 -26.46
CA HIS A 65 34.68 -1.04 -27.42
C HIS A 65 35.53 -2.22 -26.97
N ASN A 66 35.78 -2.30 -25.66
CA ASN A 66 36.52 -3.45 -25.12
C ASN A 66 36.39 -3.50 -23.62
N LYS A 67 36.78 -4.63 -23.02
CA LYS A 67 36.65 -4.89 -21.58
C LYS A 67 37.32 -3.83 -20.73
N THR A 68 38.53 -3.44 -21.13
CA THR A 68 39.32 -2.44 -20.40
C THR A 68 38.56 -1.13 -20.25
N LEU A 69 38.20 -0.51 -21.39
CA LEU A 69 37.50 0.78 -21.44
C LEU A 69 36.15 0.83 -20.75
N ALA A 70 35.36 -0.21 -20.98
CA ALA A 70 34.05 -0.29 -20.38
C ALA A 70 34.26 -0.28 -18.88
N GLY A 71 35.29 -1.01 -18.45
CA GLY A 71 35.68 -1.05 -17.05
C GLY A 71 36.07 0.33 -16.54
N GLN A 72 36.78 1.11 -17.37
CA GLN A 72 37.19 2.46 -16.94
C GLN A 72 35.98 3.37 -16.75
N LEU A 73 35.11 3.44 -17.77
CA LEU A 73 33.91 4.26 -17.71
C LEU A 73 33.08 3.83 -16.53
N TYR A 74 32.95 2.52 -16.35
CA TYR A 74 32.13 1.97 -15.27
C TYR A 74 32.52 2.48 -13.90
N SER A 75 33.79 2.29 -13.57
CA SER A 75 34.33 2.68 -12.26
C SER A 75 34.28 4.22 -12.10
N GLU A 76 34.48 4.93 -13.22
CA GLU A 76 34.41 6.38 -13.27
C GLU A 76 32.96 6.86 -12.98
N LEU A 77 32.01 6.33 -13.73
CA LEU A 77 30.63 6.75 -13.61
C LEU A 77 30.05 6.41 -12.25
N LYS A 78 30.55 5.28 -11.73
CA LYS A 78 30.19 4.82 -10.38
C LYS A 78 30.73 5.78 -9.30
N GLU A 79 31.79 6.54 -9.59
CA GLU A 79 32.32 7.52 -8.64
C GLU A 79 31.56 8.85 -8.78
N PHE A 80 31.11 9.14 -10.00
CA PHE A 80 30.40 10.38 -10.32
C PHE A 80 28.94 10.35 -9.91
N PHE A 81 28.41 9.14 -9.75
CA PHE A 81 27.00 8.85 -9.50
C PHE A 81 26.82 7.72 -8.50
N PRO A 82 27.39 7.86 -7.30
CA PRO A 82 27.38 6.77 -6.31
C PRO A 82 26.03 6.46 -5.69
N HIS A 83 25.09 7.39 -5.78
CA HIS A 83 23.75 7.21 -5.22
C HIS A 83 22.72 6.77 -6.27
N ASN A 84 23.17 6.47 -7.50
CA ASN A 84 22.33 6.02 -8.62
C ASN A 84 22.82 4.66 -9.15
N ALA A 85 22.05 4.03 -10.03
CA ALA A 85 22.44 2.72 -10.56
C ALA A 85 23.36 2.76 -11.80
N VAL A 86 24.65 2.61 -11.56
CA VAL A 86 25.58 2.51 -12.64
C VAL A 86 25.76 1.03 -12.86
N GLU A 87 25.40 0.58 -14.06
CA GLU A 87 25.41 -0.83 -14.41
C GLU A 87 26.44 -1.30 -15.41
N TYR A 88 26.64 -2.62 -15.46
CA TYR A 88 27.70 -3.17 -16.31
C TYR A 88 27.21 -4.37 -17.17
N PHE A 89 27.33 -4.24 -18.49
CA PHE A 89 26.78 -5.24 -19.39
C PHE A 89 27.75 -5.78 -20.45
N VAL A 90 28.37 -6.93 -20.18
CA VAL A 90 29.24 -7.59 -21.16
C VAL A 90 28.74 -9.04 -21.34
N SER A 91 29.42 -9.84 -22.15
CA SER A 91 29.05 -11.24 -22.33
C SER A 91 30.23 -12.19 -22.54
N TYR A 92 29.90 -13.42 -22.97
CA TYR A 92 30.83 -14.47 -23.39
C TYR A 92 32.02 -13.93 -24.19
N TYR A 93 31.71 -13.27 -25.33
CA TYR A 93 32.67 -12.62 -26.27
C TYR A 93 33.82 -11.80 -25.65
N ASP A 94 33.63 -11.24 -24.45
CA ASP A 94 34.66 -10.42 -23.77
C ASP A 94 36.09 -11.03 -23.85
N TYR A 95 36.17 -12.34 -23.57
CA TYR A 95 37.40 -13.15 -23.65
C TYR A 95 37.05 -14.66 -23.62
N ALA A 96 35.99 -15.06 -24.30
CA ALA A 96 35.60 -16.47 -24.43
C ALA A 96 35.35 -16.80 -25.91
N GLN A 97 35.41 -18.08 -26.26
CA GLN A 97 35.19 -18.51 -27.64
C GLN A 97 33.81 -19.16 -27.79
N PRO A 98 33.08 -18.79 -28.85
CA PRO A 98 31.74 -19.33 -29.10
C PRO A 98 31.76 -20.72 -29.74
N GLU A 99 30.60 -21.24 -30.10
CA GLU A 99 30.47 -22.50 -30.82
C GLU A 99 30.99 -22.27 -32.24
N ALA A 100 31.78 -23.22 -32.77
CA ALA A 100 32.31 -23.10 -34.14
C ALA A 100 32.79 -24.41 -34.73
N TYR A 101 32.93 -24.45 -36.06
CA TYR A 101 33.43 -25.63 -36.77
C TYR A 101 34.43 -25.29 -37.87
N VAL A 102 35.53 -26.04 -37.92
CA VAL A 102 36.50 -25.86 -39.01
C VAL A 102 36.42 -27.07 -39.96
N PRO A 103 35.81 -26.91 -41.15
CA PRO A 103 35.69 -28.02 -42.12
C PRO A 103 36.99 -28.70 -42.63
N GLN A 104 38.18 -28.07 -42.58
CA GLN A 104 39.44 -28.72 -43.00
C GLN A 104 40.03 -29.65 -41.92
N THR A 105 40.32 -29.11 -40.73
CA THR A 105 40.89 -29.89 -39.61
C THR A 105 39.84 -30.65 -38.77
N ASP A 106 38.61 -30.73 -39.29
CA ASP A 106 37.46 -31.40 -38.65
C ASP A 106 37.31 -31.13 -37.14
N THR A 107 37.25 -29.87 -36.75
CA THR A 107 37.17 -29.58 -35.32
C THR A 107 36.00 -28.72 -34.82
N TYR A 108 35.22 -29.34 -33.94
CA TYR A 108 34.09 -28.70 -33.33
C TYR A 108 34.53 -27.94 -32.06
N ILE A 109 34.55 -26.63 -32.14
CA ILE A 109 34.90 -25.85 -30.96
C ILE A 109 33.65 -25.65 -30.13
N GLU A 110 33.56 -26.43 -29.06
CA GLU A 110 32.45 -26.36 -28.13
C GLU A 110 32.35 -24.97 -27.47
N LYS A 111 31.16 -24.67 -26.94
CA LYS A 111 30.87 -23.43 -26.22
C LYS A 111 31.40 -23.54 -24.79
N ASP A 112 31.73 -24.77 -24.39
CA ASP A 112 32.28 -25.16 -23.08
C ASP A 112 32.64 -24.12 -21.99
N ALA A 113 33.48 -23.12 -22.32
CA ALA A 113 33.97 -22.09 -21.39
C ALA A 113 32.90 -21.58 -20.42
N LYS A 114 32.84 -22.22 -19.25
CA LYS A 114 31.87 -21.95 -18.18
C LYS A 114 31.41 -20.48 -18.08
N ILE A 115 30.10 -20.30 -17.95
CA ILE A 115 29.50 -18.96 -17.85
C ILE A 115 29.89 -18.31 -16.51
N ASN A 116 30.92 -17.47 -16.57
CA ASN A 116 31.51 -16.75 -15.42
C ASN A 116 30.49 -16.00 -14.58
N ASP A 117 30.37 -16.38 -13.31
CA ASP A 117 29.39 -15.81 -12.40
C ASP A 117 29.28 -14.26 -12.33
N GLU A 118 30.41 -13.57 -12.22
CA GLU A 118 30.39 -12.10 -12.05
C GLU A 118 29.64 -11.36 -13.14
N ILE A 119 29.89 -11.75 -14.39
CA ILE A 119 29.28 -11.13 -15.57
C ILE A 119 27.76 -11.34 -15.62
N ASP A 120 27.33 -12.60 -15.42
CA ASP A 120 25.91 -12.95 -15.38
C ASP A 120 25.12 -12.13 -14.34
N LYS A 121 25.64 -12.15 -13.11
CA LYS A 121 25.07 -11.41 -12.00
C LYS A 121 24.90 -9.98 -12.49
N LEU A 122 25.92 -9.49 -13.19
CA LEU A 122 25.91 -8.12 -13.67
C LEU A 122 24.91 -7.82 -14.79
N ARG A 123 24.74 -8.71 -15.76
CA ARG A 123 23.74 -8.46 -16.81
C ARG A 123 22.35 -8.39 -16.18
N HIS A 124 22.09 -9.24 -15.20
CA HIS A 124 20.79 -9.24 -14.55
C HIS A 124 20.47 -7.94 -13.78
N SER A 125 21.41 -7.43 -12.98
CA SER A 125 21.19 -6.20 -12.23
C SER A 125 21.01 -5.03 -13.22
N ALA A 126 21.64 -5.16 -14.38
CA ALA A 126 21.50 -4.16 -15.40
C ALA A 126 20.11 -4.20 -15.98
N THR A 127 19.64 -5.39 -16.38
CA THR A 127 18.33 -5.47 -17.00
C THR A 127 17.19 -5.23 -16.00
N SER A 128 17.41 -5.51 -14.71
CA SER A 128 16.36 -5.39 -13.73
C SER A 128 16.23 -3.96 -13.30
N ALA A 129 17.37 -3.30 -13.20
CA ALA A 129 17.46 -1.91 -12.84
C ALA A 129 16.64 -1.10 -13.84
N LEU A 130 16.84 -1.40 -15.13
CA LEU A 130 16.09 -0.75 -16.19
C LEU A 130 14.57 -0.77 -15.95
N PHE A 131 14.06 -1.86 -15.42
CA PHE A 131 12.65 -1.86 -15.11
C PHE A 131 12.32 -1.27 -13.73
N GLU A 132 13.27 -1.31 -12.80
CA GLU A 132 12.97 -0.89 -11.44
C GLU A 132 12.98 0.64 -11.20
N ARG A 133 14.10 1.29 -11.53
CA ARG A 133 14.27 2.74 -11.37
C ARG A 133 14.70 3.44 -12.67
N ARG A 134 14.80 4.77 -12.64
CA ARG A 134 15.12 5.61 -13.81
C ARG A 134 16.57 6.06 -13.96
N ASP A 135 17.19 6.39 -12.83
CA ASP A 135 18.55 6.90 -12.78
C ASP A 135 19.58 5.83 -13.06
N VAL A 136 19.51 5.30 -14.27
CA VAL A 136 20.38 4.22 -14.65
C VAL A 136 21.27 4.52 -15.83
N ILE A 137 22.50 4.08 -15.70
CA ILE A 137 23.44 4.23 -16.73
C ILE A 137 24.01 2.82 -16.92
N ILE A 138 24.10 2.38 -18.16
CA ILE A 138 24.64 1.07 -18.36
C ILE A 138 25.85 1.13 -19.26
N VAL A 139 26.97 0.68 -18.76
CA VAL A 139 28.16 0.72 -19.57
C VAL A 139 28.16 -0.63 -20.27
N ALA A 140 28.24 -0.65 -21.60
CA ALA A 140 28.16 -1.96 -22.23
C ALA A 140 29.14 -2.19 -23.30
N SER A 141 29.41 -3.46 -23.57
CA SER A 141 30.26 -3.77 -24.70
C SER A 141 29.31 -3.78 -25.92
N VAL A 142 29.82 -3.94 -27.13
CA VAL A 142 28.94 -4.05 -28.28
C VAL A 142 28.00 -5.24 -28.08
N SER A 143 28.14 -5.95 -26.97
CA SER A 143 27.23 -7.07 -26.73
C SER A 143 25.81 -6.53 -26.46
N CYS A 144 25.68 -5.20 -26.32
CA CYS A 144 24.35 -4.66 -26.11
C CYS A 144 23.46 -4.80 -27.35
N ILE A 145 24.00 -5.38 -28.40
CA ILE A 145 23.17 -5.63 -29.55
C ILE A 145 23.09 -7.14 -29.87
N TYR A 146 23.42 -8.06 -28.94
CA TYR A 146 23.23 -9.49 -29.22
C TYR A 146 21.82 -9.86 -28.87
N GLY A 147 21.43 -11.04 -29.36
CA GLY A 147 20.14 -11.63 -29.12
C GLY A 147 19.92 -11.70 -27.63
N LEU A 148 18.77 -11.17 -27.22
CA LEU A 148 18.34 -11.25 -25.86
C LEU A 148 16.83 -11.56 -25.86
N GLY A 149 16.41 -12.51 -25.02
CA GLY A 149 15.00 -12.82 -24.89
C GLY A 149 14.18 -11.53 -24.78
N SER A 150 12.93 -11.62 -25.20
CA SER A 150 12.05 -10.48 -25.29
C SER A 150 11.95 -9.79 -23.97
N PRO A 151 11.93 -8.46 -24.01
CA PRO A 151 11.78 -7.68 -22.77
C PRO A 151 10.38 -7.85 -22.16
N GLU A 152 9.30 -7.89 -22.95
CA GLU A 152 7.94 -8.00 -22.33
C GLU A 152 7.79 -9.27 -21.51
N GLU A 153 8.27 -10.38 -22.08
CA GLU A 153 8.25 -11.69 -21.41
C GLU A 153 8.93 -11.66 -20.02
N TYR A 154 10.18 -11.19 -19.98
CA TYR A 154 10.96 -10.99 -18.76
C TYR A 154 10.20 -10.08 -17.80
N ARG A 155 9.58 -9.02 -18.34
CA ARG A 155 8.78 -8.07 -17.56
C ARG A 155 7.54 -8.77 -17.03
N GLU A 156 6.63 -9.12 -17.94
CA GLU A 156 5.38 -9.76 -17.56
C GLU A 156 5.57 -10.98 -16.66
N LEU A 157 6.70 -11.66 -16.75
CA LEU A 157 6.94 -12.86 -15.96
C LEU A 157 7.47 -12.68 -14.54
N VAL A 158 7.58 -11.45 -14.07
CA VAL A 158 8.11 -11.20 -12.73
C VAL A 158 7.09 -11.61 -11.70
N VAL A 159 7.55 -12.10 -10.55
CA VAL A 159 6.69 -12.42 -9.41
C VAL A 159 6.57 -11.11 -8.62
N SER A 160 5.50 -10.36 -8.87
CA SER A 160 5.27 -9.03 -8.26
C SER A 160 4.60 -9.08 -6.87
N LEU A 161 5.43 -9.14 -5.81
CA LEU A 161 4.92 -9.22 -4.42
C LEU A 161 4.57 -7.87 -3.78
N ARG A 162 3.75 -7.94 -2.73
CA ARG A 162 3.33 -6.79 -1.91
C ARG A 162 2.95 -7.31 -0.52
N VAL A 163 3.26 -6.56 0.55
CA VAL A 163 2.92 -6.98 1.94
C VAL A 163 1.47 -7.45 2.06
N GLY A 164 1.29 -8.60 2.70
CA GLY A 164 -0.02 -9.19 2.92
C GLY A 164 -0.91 -9.47 1.71
N MET A 165 -0.35 -10.06 0.66
CA MET A 165 -1.13 -10.39 -0.54
C MET A 165 -1.73 -11.81 -0.44
N GLU A 166 -2.77 -12.06 -1.24
CA GLU A 166 -3.51 -13.33 -1.23
C GLU A 166 -2.78 -14.52 -1.84
N ILE A 167 -1.52 -14.72 -1.47
CA ILE A 167 -0.69 -15.80 -2.05
C ILE A 167 -0.33 -16.94 -1.08
N GLU A 168 -0.17 -18.13 -1.64
CA GLU A 168 0.19 -19.34 -0.91
C GLU A 168 1.71 -19.58 -0.98
N ARG A 169 2.22 -20.46 -0.09
CA ARG A 169 3.66 -20.78 -0.04
C ARG A 169 4.18 -21.62 -1.22
N ASN A 170 3.59 -22.79 -1.42
CA ASN A 170 3.96 -23.71 -2.51
C ASN A 170 3.55 -23.18 -3.90
N ALA A 171 2.66 -22.19 -3.90
CA ALA A 171 2.21 -21.52 -5.10
C ALA A 171 3.31 -20.56 -5.53
N LEU A 172 4.02 -20.00 -4.55
CA LEU A 172 5.14 -19.11 -4.80
C LEU A 172 6.39 -19.94 -5.09
N LEU A 173 6.58 -21.01 -4.32
CA LEU A 173 7.72 -21.92 -4.50
C LEU A 173 7.73 -22.61 -5.89
N ARG A 174 6.56 -22.68 -6.55
CA ARG A 174 6.45 -23.22 -7.89
C ARG A 174 6.68 -22.06 -8.89
N ARG A 175 6.30 -20.84 -8.50
CA ARG A 175 6.43 -19.66 -9.35
C ARG A 175 7.89 -19.30 -9.60
N LEU A 176 8.73 -19.47 -8.57
CA LEU A 176 10.16 -19.23 -8.68
C LEU A 176 10.83 -20.30 -9.54
N VAL A 177 10.28 -21.51 -9.56
CA VAL A 177 10.85 -22.58 -10.39
C VAL A 177 10.54 -22.32 -11.88
N ASP A 178 9.35 -21.75 -12.12
CA ASP A 178 8.84 -21.40 -13.45
C ASP A 178 9.77 -20.34 -14.07
N ILE A 179 10.45 -19.61 -13.20
CA ILE A 179 11.27 -18.48 -13.58
C ILE A 179 12.78 -18.80 -13.59
N GLN A 180 13.07 -20.11 -13.58
CA GLN A 180 14.43 -20.72 -13.54
C GLN A 180 15.30 -20.56 -12.25
N TYR A 181 14.65 -20.59 -11.09
CA TYR A 181 15.31 -20.55 -9.78
C TYR A 181 15.39 -21.98 -9.25
N ASP A 182 16.46 -22.30 -8.55
CA ASP A 182 16.60 -23.64 -7.98
C ASP A 182 16.59 -23.57 -6.48
N ARG A 183 16.15 -24.68 -5.87
CA ARG A 183 16.16 -24.85 -4.42
C ARG A 183 17.51 -25.45 -4.04
N ASN A 184 18.20 -24.78 -3.13
CA ASN A 184 19.50 -25.21 -2.64
C ASN A 184 19.72 -24.65 -1.24
N ASP A 185 19.21 -25.42 -0.28
CA ASP A 185 19.28 -25.08 1.13
C ASP A 185 20.64 -25.48 1.66
N ILE A 186 21.18 -26.55 1.08
CA ILE A 186 22.46 -27.10 1.47
C ILE A 186 23.64 -26.27 0.94
N ASP A 187 23.35 -25.25 0.12
CA ASP A 187 24.36 -24.33 -0.45
C ASP A 187 23.76 -23.06 -1.13
N PHE A 188 23.51 -22.05 -0.31
CA PHE A 188 22.91 -20.77 -0.74
C PHE A 188 23.86 -19.87 -1.51
N ARG A 189 23.60 -19.76 -2.81
CA ARG A 189 24.36 -18.91 -3.74
C ARG A 189 23.37 -18.09 -4.59
N ARG A 190 23.86 -17.08 -5.33
CA ARG A 190 22.99 -16.25 -6.18
C ARG A 190 22.22 -17.07 -7.21
N GLY A 191 20.92 -16.78 -7.35
CA GLY A 191 20.06 -17.50 -8.26
C GLY A 191 19.44 -18.73 -7.63
N THR A 192 19.47 -18.77 -6.31
CA THR A 192 18.94 -19.88 -5.52
C THR A 192 17.83 -19.42 -4.55
N PHE A 193 17.04 -20.37 -4.07
CA PHE A 193 16.03 -20.11 -3.04
C PHE A 193 16.05 -21.17 -1.93
N ARG A 194 15.83 -20.74 -0.68
CA ARG A 194 15.87 -21.63 0.47
C ARG A 194 14.56 -21.68 1.27
N VAL A 195 14.04 -22.89 1.44
CA VAL A 195 12.81 -23.14 2.19
C VAL A 195 13.10 -23.80 3.55
N ARG A 196 12.76 -23.09 4.63
CA ARG A 196 12.98 -23.56 6.00
C ARG A 196 11.66 -23.65 6.77
N GLY A 197 10.67 -24.30 6.14
CA GLY A 197 9.35 -24.51 6.71
C GLY A 197 8.34 -23.42 6.38
N ASP A 198 8.63 -22.21 6.87
CA ASP A 198 7.79 -21.02 6.68
C ASP A 198 8.67 -19.80 6.42
N VAL A 199 9.97 -20.07 6.36
CA VAL A 199 10.96 -19.07 6.02
C VAL A 199 11.38 -19.40 4.59
N VAL A 200 11.30 -18.40 3.71
CA VAL A 200 11.69 -18.52 2.31
C VAL A 200 12.64 -17.38 2.01
N GLU A 201 13.88 -17.73 1.68
CA GLU A 201 14.90 -16.76 1.31
C GLU A 201 15.20 -16.94 -0.17
N ILE A 202 15.13 -15.86 -0.95
CA ILE A 202 15.38 -15.89 -2.40
C ILE A 202 16.59 -15.04 -2.78
N PHE A 203 17.52 -15.65 -3.51
CA PHE A 203 18.74 -14.95 -3.93
C PHE A 203 18.60 -14.37 -5.36
N PRO A 204 18.12 -13.13 -5.46
CA PRO A 204 17.96 -12.47 -6.75
C PRO A 204 19.18 -12.66 -7.65
N ALA A 205 18.92 -12.88 -8.94
CA ALA A 205 19.94 -13.09 -9.96
C ALA A 205 20.83 -11.87 -10.09
N SER A 206 20.33 -10.73 -9.62
CA SER A 206 21.01 -9.43 -9.65
C SER A 206 21.97 -9.11 -8.51
N ARG A 207 21.87 -9.87 -7.41
CA ARG A 207 22.62 -9.54 -6.19
C ARG A 207 23.85 -10.36 -5.73
N ASP A 208 24.62 -9.69 -4.85
CA ASP A 208 25.88 -10.11 -4.27
C ASP A 208 25.68 -10.75 -2.90
N GLU A 209 25.43 -9.87 -1.93
CA GLU A 209 25.21 -10.25 -0.54
C GLU A 209 23.75 -9.99 -0.13
N HIS A 210 23.08 -9.15 -0.91
CA HIS A 210 21.70 -8.72 -0.63
C HIS A 210 20.55 -9.67 -1.13
N CYS A 211 20.24 -10.70 -0.35
CA CYS A 211 19.13 -11.63 -0.67
C CYS A 211 17.77 -11.18 -0.04
N ILE A 212 16.68 -11.85 -0.43
CA ILE A 212 15.33 -11.51 0.07
C ILE A 212 14.74 -12.57 1.01
N ARG A 213 13.85 -12.14 1.91
CA ARG A 213 13.21 -13.00 2.90
C ARG A 213 11.71 -12.79 3.00
N VAL A 214 10.93 -13.76 2.54
CA VAL A 214 9.48 -13.67 2.61
C VAL A 214 8.89 -14.74 3.56
N GLU A 215 8.15 -14.31 4.59
CA GLU A 215 7.57 -15.23 5.57
C GLU A 215 6.06 -15.18 5.66
N PHE A 216 5.46 -16.32 5.99
CA PHE A 216 4.00 -16.45 6.03
C PHE A 216 3.38 -16.56 7.43
N PHE A 217 2.07 -16.32 7.49
CA PHE A 217 1.25 -16.42 8.69
C PHE A 217 -0.13 -16.62 8.07
N GLY A 218 -0.36 -17.84 7.62
CA GLY A 218 -1.59 -18.22 6.93
C GLY A 218 -1.34 -18.26 5.44
N ASP A 219 -2.31 -17.81 4.65
CA ASP A 219 -2.16 -17.74 3.20
C ASP A 219 -1.90 -16.30 2.77
N GLU A 220 -1.21 -15.54 3.63
CA GLU A 220 -0.89 -14.14 3.38
C GLU A 220 0.54 -13.79 3.82
N ILE A 221 1.30 -13.15 2.94
CA ILE A 221 2.67 -12.76 3.27
C ILE A 221 2.68 -11.79 4.45
N GLU A 222 3.53 -12.07 5.44
CA GLU A 222 3.66 -11.18 6.58
C GLU A 222 4.78 -10.18 6.34
N ARG A 223 6.03 -10.58 6.60
CA ARG A 223 7.16 -9.67 6.44
C ARG A 223 8.10 -9.99 5.27
N ILE A 224 8.70 -8.94 4.70
CA ILE A 224 9.69 -9.05 3.61
C ILE A 224 10.93 -8.21 3.95
N ARG A 225 12.08 -8.87 4.06
CA ARG A 225 13.33 -8.18 4.44
C ARG A 225 14.57 -8.43 3.55
N GLU A 226 15.57 -7.56 3.68
CA GLU A 226 16.83 -7.71 2.96
C GLU A 226 17.91 -8.13 3.97
N VAL A 227 18.04 -9.45 4.14
CA VAL A 227 19.02 -10.03 5.05
C VAL A 227 20.34 -10.14 4.32
N ASP A 228 21.45 -10.11 5.05
CA ASP A 228 22.75 -10.32 4.44
C ASP A 228 22.99 -11.83 4.41
N ALA A 229 23.24 -12.40 3.22
CA ALA A 229 23.43 -13.86 3.03
C ALA A 229 24.39 -14.53 4.02
N LEU A 230 24.00 -15.74 4.47
CA LEU A 230 24.75 -16.54 5.47
C LEU A 230 25.12 -15.76 6.75
N THR A 231 24.27 -14.79 7.12
CA THR A 231 24.50 -13.91 8.28
C THR A 231 23.20 -13.60 9.03
N GLY A 232 22.14 -13.28 8.29
CA GLY A 232 20.84 -12.96 8.89
C GLY A 232 20.72 -11.51 9.38
N GLU A 233 21.78 -10.73 9.15
CA GLU A 233 21.85 -9.33 9.55
C GLU A 233 20.86 -8.49 8.76
N VAL A 234 19.72 -8.17 9.38
CA VAL A 234 18.65 -7.38 8.76
C VAL A 234 19.15 -6.04 8.19
N LEU A 235 18.96 -5.82 6.89
CA LEU A 235 19.37 -4.58 6.21
C LEU A 235 18.17 -3.81 5.64
N GLY A 236 17.31 -4.51 4.91
CA GLY A 236 16.13 -3.92 4.29
C GLY A 236 14.85 -3.99 5.11
N GLU A 237 13.75 -3.54 4.49
CA GLU A 237 12.43 -3.49 5.12
C GLU A 237 11.42 -3.02 4.07
N ARG A 238 11.48 -3.66 2.90
CA ARG A 238 10.61 -3.28 1.81
C ARG A 238 9.21 -3.84 2.00
N GLU A 239 8.22 -3.18 1.39
CA GLU A 239 6.82 -3.64 1.42
C GLU A 239 6.47 -4.28 0.08
N HIS A 240 7.09 -3.77 -0.99
CA HIS A 240 6.98 -4.29 -2.37
C HIS A 240 8.36 -4.76 -2.83
N VAL A 241 8.38 -5.87 -3.58
CA VAL A 241 9.63 -6.42 -4.10
C VAL A 241 9.37 -7.32 -5.35
N ALA A 242 10.09 -7.03 -6.43
CA ALA A 242 9.93 -7.74 -7.68
C ALA A 242 11.15 -8.68 -7.99
N ILE A 243 10.93 -9.99 -8.06
CA ILE A 243 12.00 -10.96 -8.34
C ILE A 243 11.97 -11.35 -9.80
N PHE A 244 12.93 -10.82 -10.54
CA PHE A 244 13.07 -11.05 -11.98
C PHE A 244 13.63 -12.44 -12.37
N PRO A 245 13.21 -12.91 -13.52
CA PRO A 245 13.69 -14.20 -14.04
C PRO A 245 15.23 -14.39 -13.97
N ALA A 246 15.65 -15.64 -13.74
CA ALA A 246 17.07 -15.99 -13.61
C ALA A 246 17.82 -16.24 -14.95
N SER A 247 17.09 -16.15 -16.06
CA SER A 247 17.69 -16.24 -17.38
C SER A 247 17.00 -15.23 -18.31
N HIS A 248 17.75 -14.74 -19.28
CA HIS A 248 17.21 -13.84 -20.26
C HIS A 248 16.49 -14.56 -21.43
N PHE A 249 16.14 -15.84 -21.28
CA PHE A 249 15.45 -16.62 -22.32
C PHE A 249 14.25 -17.44 -21.79
N VAL A 250 13.69 -17.09 -20.62
CA VAL A 250 12.55 -17.85 -20.07
C VAL A 250 11.22 -17.56 -20.77
N THR A 251 10.42 -18.60 -20.88
CA THR A 251 9.21 -18.56 -21.67
C THR A 251 8.09 -19.18 -20.91
N ARG A 252 6.87 -18.63 -20.96
CA ARG A 252 5.72 -19.30 -20.30
C ARG A 252 5.64 -20.73 -20.79
N GLU A 253 5.14 -21.62 -19.94
CA GLU A 253 4.94 -23.00 -20.32
C GLU A 253 4.16 -23.14 -21.63
N GLU A 254 3.06 -22.41 -21.80
CA GLU A 254 2.24 -22.54 -23.00
C GLU A 254 2.96 -22.13 -24.27
N LYS A 255 3.82 -21.12 -24.17
CA LYS A 255 4.53 -20.73 -25.34
C LYS A 255 5.60 -21.80 -25.67
N MET A 256 6.17 -22.36 -24.61
CA MET A 256 7.20 -23.41 -24.67
C MET A 256 6.67 -24.63 -25.33
N ARG A 257 5.47 -25.04 -24.92
CA ARG A 257 4.86 -26.21 -25.55
C ARG A 257 4.71 -25.97 -27.02
N LEU A 258 4.44 -24.73 -27.42
CA LEU A 258 4.18 -24.53 -28.81
C LEU A 258 5.47 -24.33 -29.57
N ALA A 259 6.42 -23.62 -28.98
CA ALA A 259 7.76 -23.48 -29.57
C ALA A 259 8.37 -24.84 -29.93
N ILE A 260 8.35 -25.79 -28.99
CA ILE A 260 8.87 -27.12 -29.17
C ILE A 260 8.31 -27.76 -30.43
N GLN A 261 7.00 -27.69 -30.63
CA GLN A 261 6.47 -28.26 -31.87
C GLN A 261 6.93 -27.53 -33.09
N ASN A 262 7.21 -26.21 -33.00
CA ASN A 262 7.70 -25.50 -34.14
C ASN A 262 9.11 -25.96 -34.42
N ILE A 263 9.89 -26.20 -33.37
CA ILE A 263 11.22 -26.72 -33.53
C ILE A 263 11.17 -28.12 -34.17
N GLU A 264 10.22 -28.97 -33.77
CA GLU A 264 10.17 -30.32 -34.32
C GLU A 264 9.97 -30.26 -35.85
N GLN A 265 9.04 -29.39 -36.26
CA GLN A 265 8.70 -29.17 -37.67
C GLN A 265 9.91 -28.61 -38.43
N GLU A 266 10.63 -27.68 -37.81
CA GLU A 266 11.81 -27.20 -38.51
C GLU A 266 12.80 -28.34 -38.70
N LEU A 267 13.04 -29.14 -37.66
CA LEU A 267 13.96 -30.27 -37.75
C LEU A 267 13.60 -31.25 -38.89
N GLU A 268 12.33 -31.59 -38.96
CA GLU A 268 11.86 -32.48 -40.00
C GLU A 268 12.08 -31.85 -41.39
N GLU A 269 11.78 -30.55 -41.54
CA GLU A 269 11.94 -29.93 -42.84
C GLU A 269 13.39 -29.96 -43.17
N ARG A 270 14.25 -29.50 -42.23
CA ARG A 270 15.71 -29.51 -42.49
C ARG A 270 16.31 -30.94 -42.73
N LEU A 271 15.84 -31.97 -42.05
CA LEU A 271 16.38 -33.28 -42.30
C LEU A 271 16.10 -33.72 -43.71
N ALA A 272 14.88 -33.48 -44.19
CA ALA A 272 14.43 -33.92 -45.51
C ALA A 272 15.22 -33.26 -46.64
N GLU A 273 15.47 -31.98 -46.44
CA GLU A 273 16.26 -31.20 -47.35
C GLU A 273 17.63 -31.83 -47.42
N LEU A 274 18.41 -31.80 -46.33
CA LEU A 274 19.75 -32.46 -46.24
C LEU A 274 19.86 -33.87 -46.87
N ARG A 275 18.91 -34.74 -46.54
CA ARG A 275 18.94 -36.11 -47.05
C ARG A 275 18.52 -36.10 -48.51
N ALA A 276 17.93 -34.99 -48.96
CA ALA A 276 17.52 -34.92 -50.36
C ALA A 276 18.72 -34.56 -51.23
N GLN A 277 19.64 -33.74 -50.70
CA GLN A 277 20.88 -33.39 -51.43
C GLN A 277 22.07 -34.32 -51.15
N GLY A 278 21.81 -35.47 -50.50
CA GLY A 278 22.83 -36.45 -50.14
C GLY A 278 23.74 -36.14 -48.95
N LYS A 279 23.46 -35.05 -48.22
CA LYS A 279 24.21 -34.68 -47.03
C LYS A 279 23.66 -35.50 -45.84
N LEU A 280 23.71 -36.83 -45.99
CA LEU A 280 23.26 -37.80 -45.02
C LEU A 280 23.97 -37.66 -43.68
N LEU A 281 25.27 -37.41 -43.72
CA LEU A 281 26.08 -37.28 -42.53
C LEU A 281 25.63 -36.09 -41.71
N GLU A 282 25.33 -35.01 -42.40
CA GLU A 282 24.81 -33.80 -41.80
C GLU A 282 23.38 -34.02 -41.23
N ALA A 283 22.53 -34.79 -41.87
CA ALA A 283 21.25 -35.09 -41.23
C ALA A 283 21.42 -35.78 -39.87
N GLN A 284 22.25 -36.84 -39.78
CA GLN A 284 22.60 -37.58 -38.54
C GLN A 284 23.12 -36.65 -37.41
N ARG A 285 24.05 -35.79 -37.72
CA ARG A 285 24.54 -34.91 -36.71
C ARG A 285 23.36 -34.08 -36.11
N LEU A 286 22.65 -33.31 -36.95
CA LEU A 286 21.51 -32.46 -36.59
C LEU A 286 20.41 -33.20 -35.85
N GLU A 287 20.11 -34.43 -36.26
CA GLU A 287 19.09 -35.20 -35.63
C GLU A 287 19.52 -35.63 -34.20
N GLN A 288 20.77 -36.07 -34.04
CA GLN A 288 21.22 -36.50 -32.73
C GLN A 288 21.20 -35.26 -31.83
N ARG A 289 21.68 -34.15 -32.34
CA ARG A 289 21.84 -32.98 -31.53
C ARG A 289 20.51 -32.27 -31.14
N THR A 290 19.60 -32.14 -32.09
CA THR A 290 18.37 -31.46 -31.87
C THR A 290 17.46 -32.25 -30.98
N ARG A 291 17.42 -33.56 -31.16
CA ARG A 291 16.54 -34.39 -30.34
C ARG A 291 16.99 -34.37 -28.90
N TYR A 292 18.28 -34.25 -28.66
CA TYR A 292 18.73 -34.31 -27.31
C TYR A 292 18.33 -33.05 -26.57
N ASP A 293 18.43 -31.94 -27.30
CA ASP A 293 18.05 -30.62 -26.86
C ASP A 293 16.54 -30.54 -26.62
N LEU A 294 15.74 -31.15 -27.49
CA LEU A 294 14.31 -31.05 -27.41
C LEU A 294 13.85 -31.83 -26.25
N GLU A 295 14.71 -32.74 -25.79
CA GLU A 295 14.39 -33.65 -24.70
C GLU A 295 14.59 -32.93 -23.40
N MET A 296 15.62 -32.10 -23.34
CA MET A 296 15.86 -31.26 -22.18
C MET A 296 14.77 -30.16 -22.06
N MET A 297 14.25 -29.69 -23.19
CA MET A 297 13.24 -28.65 -23.14
C MET A 297 11.88 -29.16 -22.67
N ARG A 298 11.55 -30.38 -23.04
CA ARG A 298 10.31 -30.97 -22.68
C ARG A 298 10.29 -31.41 -21.23
N GLU A 299 11.47 -31.70 -20.69
CA GLU A 299 11.61 -32.23 -19.34
C GLU A 299 11.70 -31.11 -18.35
N MET A 300 12.44 -30.07 -18.67
CA MET A 300 12.63 -29.01 -17.69
C MET A 300 12.62 -27.61 -18.24
N GLY A 301 12.01 -27.41 -19.40
CA GLY A 301 11.87 -26.08 -19.96
C GLY A 301 13.12 -25.34 -20.42
N PHE A 302 14.28 -25.97 -20.33
CA PHE A 302 15.49 -25.36 -20.86
C PHE A 302 16.55 -26.40 -21.26
N CYS A 303 17.64 -25.94 -21.87
CA CYS A 303 18.75 -26.81 -22.25
C CYS A 303 20.00 -25.98 -22.28
N SER A 304 21.12 -26.53 -22.70
CA SER A 304 22.32 -25.70 -22.79
C SER A 304 22.28 -25.10 -24.18
N GLY A 305 22.81 -23.91 -24.31
CA GLY A 305 22.78 -23.29 -25.60
C GLY A 305 21.36 -23.06 -26.08
N ILE A 306 20.46 -22.72 -25.16
CA ILE A 306 19.08 -22.44 -25.48
C ILE A 306 18.99 -21.17 -26.34
N GLU A 307 19.99 -20.32 -26.25
CA GLU A 307 20.05 -19.13 -27.07
C GLU A 307 19.72 -19.48 -28.52
N ASN A 308 20.20 -20.62 -28.97
CA ASN A 308 20.07 -20.97 -30.36
C ASN A 308 18.67 -21.07 -30.85
N TYR A 309 17.77 -21.23 -29.90
CA TYR A 309 16.38 -21.48 -30.20
C TYR A 309 15.48 -20.26 -29.95
N SER A 310 16.12 -19.12 -29.67
CA SER A 310 15.43 -17.89 -29.23
C SER A 310 14.31 -17.39 -30.13
N ARG A 311 14.51 -17.40 -31.43
CA ARG A 311 13.43 -16.98 -32.27
C ARG A 311 12.21 -17.92 -32.12
N HIS A 312 12.47 -19.22 -31.97
CA HIS A 312 11.36 -20.16 -31.78
C HIS A 312 10.61 -19.98 -30.50
N LEU A 313 11.35 -19.74 -29.42
CA LEU A 313 10.81 -19.58 -28.10
C LEU A 313 10.03 -18.30 -28.05
N ALA A 314 10.50 -17.30 -28.74
CA ALA A 314 9.80 -16.02 -28.81
C ALA A 314 8.58 -16.16 -29.73
N LEU A 315 8.51 -17.23 -30.49
CA LEU A 315 7.39 -17.45 -31.36
C LEU A 315 7.22 -16.31 -32.33
N ARG A 316 8.32 -15.94 -32.95
CA ARG A 316 8.30 -14.86 -33.92
C ARG A 316 8.53 -15.42 -35.33
N PRO A 317 8.24 -14.63 -36.36
CA PRO A 317 8.42 -15.12 -37.73
C PRO A 317 9.90 -15.30 -38.07
N PRO A 318 10.21 -16.25 -38.94
CA PRO A 318 11.61 -16.43 -39.40
C PRO A 318 12.13 -15.14 -40.01
N GLY A 319 13.36 -14.76 -39.71
CA GLY A 319 13.92 -13.52 -40.22
C GLY A 319 13.75 -12.29 -39.34
N SER A 320 12.98 -12.39 -38.27
CA SER A 320 12.70 -11.29 -37.37
C SER A 320 13.97 -10.71 -36.78
N THR A 321 13.94 -9.38 -36.57
CA THR A 321 15.01 -8.63 -35.94
C THR A 321 15.01 -9.05 -34.49
N PRO A 322 16.12 -9.56 -33.96
CA PRO A 322 16.18 -10.03 -32.58
C PRO A 322 15.84 -8.93 -31.65
N TYR A 323 15.45 -9.29 -30.42
CA TYR A 323 15.25 -8.27 -29.40
C TYR A 323 16.65 -8.13 -28.79
N THR A 324 16.97 -6.98 -28.24
CA THR A 324 18.26 -6.82 -27.60
C THR A 324 18.09 -5.86 -26.45
N LEU A 325 19.18 -5.73 -25.69
CA LEU A 325 19.27 -4.81 -24.56
C LEU A 325 18.70 -3.41 -24.87
N LEU A 326 18.70 -2.99 -26.14
CA LEU A 326 18.15 -1.67 -26.49
C LEU A 326 16.67 -1.60 -26.23
N ASP A 327 15.96 -2.67 -26.57
CA ASP A 327 14.51 -2.74 -26.38
C ASP A 327 14.08 -2.70 -24.93
N TYR A 328 14.97 -3.15 -24.05
CA TYR A 328 14.77 -3.09 -22.59
C TYR A 328 14.77 -1.64 -22.08
N PHE A 329 15.41 -0.69 -22.79
CA PHE A 329 15.37 0.73 -22.37
C PHE A 329 14.01 1.32 -22.73
N PRO A 330 13.63 2.42 -22.10
CA PRO A 330 12.43 3.17 -22.49
C PRO A 330 12.56 3.66 -23.91
N ASP A 331 11.55 4.33 -24.44
CA ASP A 331 11.58 4.80 -25.82
C ASP A 331 12.46 5.97 -25.92
N ASP A 332 12.46 6.81 -24.88
CA ASP A 332 13.24 8.05 -24.77
C ASP A 332 14.63 7.95 -24.12
N PHE A 333 15.41 6.92 -24.42
CA PHE A 333 16.72 6.76 -23.82
C PHE A 333 17.79 7.54 -24.56
N LEU A 334 19.01 7.44 -24.04
CA LEU A 334 20.16 8.14 -24.55
C LEU A 334 21.29 7.20 -24.68
N ILE A 335 21.90 7.30 -25.86
CA ILE A 335 23.12 6.58 -26.19
C ILE A 335 24.31 7.54 -26.28
N ILE A 336 25.39 7.08 -25.70
CA ILE A 336 26.66 7.75 -25.77
C ILE A 336 27.59 6.70 -26.30
N VAL A 337 28.18 6.99 -27.44
CA VAL A 337 29.18 6.07 -28.03
C VAL A 337 30.59 6.58 -27.72
N ASP A 338 31.28 5.89 -26.84
CA ASP A 338 32.62 6.29 -26.45
C ASP A 338 33.63 5.78 -27.47
N GLU A 339 34.61 6.60 -27.83
CA GLU A 339 35.67 6.28 -28.82
C GLU A 339 34.99 5.85 -30.09
N SER A 340 34.10 6.69 -30.57
CA SER A 340 33.25 6.30 -31.69
C SER A 340 33.93 5.85 -32.99
N HIS A 341 35.09 6.43 -33.32
CA HIS A 341 35.83 6.03 -34.56
C HIS A 341 36.14 4.55 -34.56
N VAL A 342 36.23 3.91 -33.40
CA VAL A 342 36.47 2.46 -33.40
C VAL A 342 35.24 1.58 -33.06
N THR A 343 34.48 2.03 -32.07
CA THR A 343 33.26 1.43 -31.58
C THR A 343 32.18 1.27 -32.64
N LEU A 344 31.94 2.29 -33.47
CA LEU A 344 30.97 2.13 -34.55
C LEU A 344 31.42 1.11 -35.59
N PRO A 345 32.64 1.05 -36.10
CA PRO A 345 32.99 -0.03 -37.02
C PRO A 345 32.87 -1.41 -36.33
N GLN A 346 33.19 -1.50 -35.05
CA GLN A 346 33.09 -2.79 -34.40
C GLN A 346 31.62 -3.35 -34.43
N LEU A 347 30.67 -2.51 -34.01
CA LEU A 347 29.24 -2.76 -34.03
C LEU A 347 28.84 -3.18 -35.43
N ARG A 348 29.29 -2.39 -36.41
CA ARG A 348 28.98 -2.57 -37.83
C ARG A 348 29.36 -3.94 -38.37
N GLY A 349 30.44 -4.51 -37.85
CA GLY A 349 30.94 -5.77 -38.32
C GLY A 349 30.40 -7.01 -37.64
N MET A 350 29.89 -6.87 -36.41
CA MET A 350 29.39 -8.03 -35.64
C MET A 350 28.44 -8.99 -36.39
N TYR A 351 27.54 -8.44 -37.17
CA TYR A 351 26.58 -9.24 -37.87
C TYR A 351 27.16 -10.21 -38.92
N ASN A 352 28.11 -9.75 -39.76
CA ASN A 352 28.72 -10.56 -40.80
C ASN A 352 29.59 -11.65 -40.16
N GLY A 353 30.23 -11.34 -39.04
CA GLY A 353 31.14 -12.28 -38.41
C GLY A 353 30.38 -13.39 -37.80
N ASP A 354 29.33 -12.99 -37.10
CA ASP A 354 28.49 -13.97 -36.48
C ASP A 354 27.76 -14.82 -37.53
N ARG A 355 27.21 -14.20 -38.57
CA ARG A 355 26.50 -14.95 -39.59
C ARG A 355 27.44 -15.97 -40.24
N ALA A 356 28.69 -15.55 -40.48
CA ALA A 356 29.68 -16.42 -41.10
C ALA A 356 29.88 -17.65 -40.24
N ARG A 357 30.08 -17.44 -38.96
CA ARG A 357 30.31 -18.52 -38.04
C ARG A 357 29.11 -19.46 -37.87
N LYS A 358 27.89 -18.92 -37.98
CA LYS A 358 26.69 -19.72 -37.79
C LYS A 358 26.30 -20.42 -39.08
N GLN A 359 26.56 -19.78 -40.22
CA GLN A 359 26.30 -20.46 -41.50
C GLN A 359 27.12 -21.73 -41.67
N VAL A 360 28.35 -21.72 -41.14
CA VAL A 360 29.14 -22.95 -41.19
C VAL A 360 28.45 -24.02 -40.36
N LEU A 361 28.09 -23.69 -39.12
CA LEU A 361 27.40 -24.68 -38.24
C LEU A 361 26.09 -25.20 -38.80
N VAL A 362 25.30 -24.38 -39.48
CA VAL A 362 24.06 -24.82 -40.12
C VAL A 362 24.36 -25.72 -41.32
N ASP A 363 25.39 -25.37 -42.10
CA ASP A 363 25.79 -26.18 -43.27
C ASP A 363 26.25 -27.58 -42.92
N HIS A 364 27.02 -27.68 -41.83
CA HIS A 364 27.55 -28.95 -41.38
C HIS A 364 26.65 -29.74 -40.47
N GLY A 365 25.59 -29.09 -40.02
CA GLY A 365 24.57 -29.83 -39.33
C GLY A 365 24.53 -29.79 -37.84
N PHE A 366 25.26 -28.84 -37.28
CA PHE A 366 25.27 -28.56 -35.86
C PHE A 366 24.05 -27.74 -35.40
N ARG A 367 23.44 -27.00 -36.31
CA ARG A 367 22.34 -26.12 -35.91
C ARG A 367 21.29 -26.04 -36.95
N LEU A 368 20.11 -25.64 -36.52
CA LEU A 368 19.00 -25.40 -37.43
C LEU A 368 19.20 -24.01 -38.07
N PRO A 369 18.75 -23.81 -39.32
CA PRO A 369 18.84 -22.47 -39.96
C PRO A 369 18.26 -21.40 -39.01
N SER A 370 17.21 -21.70 -38.25
CA SER A 370 16.66 -20.76 -37.28
C SER A 370 17.69 -20.18 -36.26
N ALA A 371 18.80 -20.90 -36.02
CA ALA A 371 19.90 -20.40 -35.19
C ALA A 371 20.47 -19.07 -35.74
N LEU A 372 20.41 -18.84 -37.06
CA LEU A 372 20.84 -17.55 -37.65
C LEU A 372 19.96 -16.41 -37.11
N ASP A 373 18.76 -16.74 -36.63
CA ASP A 373 17.93 -15.68 -36.08
C ASP A 373 18.34 -15.26 -34.66
N ASN A 374 19.28 -15.96 -34.02
CA ASN A 374 19.82 -15.57 -32.70
C ASN A 374 21.18 -14.88 -32.96
N ARG A 375 21.20 -13.56 -32.94
CA ARG A 375 22.32 -12.89 -33.53
C ARG A 375 22.33 -11.45 -33.15
N PRO A 376 23.41 -10.76 -33.45
CA PRO A 376 23.48 -9.31 -33.21
C PRO A 376 22.68 -8.54 -34.27
N LEU A 377 22.31 -7.28 -33.96
CA LEU A 377 21.67 -6.39 -34.92
C LEU A 377 22.59 -6.09 -36.10
N THR A 378 22.03 -5.86 -37.29
CA THR A 378 22.83 -5.31 -38.39
C THR A 378 22.92 -3.80 -38.05
N PHE A 379 23.87 -3.11 -38.64
CA PHE A 379 24.01 -1.70 -38.35
C PHE A 379 22.73 -0.93 -38.64
N GLU A 380 22.02 -1.31 -39.69
CA GLU A 380 20.78 -0.61 -40.02
C GLU A 380 19.74 -0.79 -38.92
N GLU A 381 19.67 -2.00 -38.35
CA GLU A 381 18.71 -2.25 -37.31
C GLU A 381 19.09 -1.42 -36.07
N PHE A 382 20.37 -1.37 -35.75
CA PHE A 382 20.86 -0.51 -34.69
C PHE A 382 20.41 0.95 -34.96
N GLU A 383 20.55 1.36 -36.21
CA GLU A 383 20.16 2.70 -36.61
C GLU A 383 18.72 3.03 -36.21
N GLN A 384 17.78 2.14 -36.53
CA GLN A 384 16.37 2.39 -36.24
C GLN A 384 16.04 2.31 -34.77
N LYS A 385 16.98 1.81 -33.98
CA LYS A 385 16.68 1.70 -32.58
C LYS A 385 17.10 2.97 -31.84
N ILE A 386 17.76 3.89 -32.52
CA ILE A 386 18.23 5.08 -31.87
C ILE A 386 17.11 6.09 -31.66
N ASN A 387 17.03 6.53 -30.42
CA ASN A 387 16.12 7.60 -30.01
C ASN A 387 16.98 8.83 -30.23
N GLN A 388 18.00 8.99 -29.37
CA GLN A 388 18.99 10.12 -29.36
C GLN A 388 20.43 9.63 -29.05
N ILE A 389 21.39 10.18 -29.79
CA ILE A 389 22.75 9.69 -29.68
C ILE A 389 23.87 10.73 -29.66
N ILE A 390 24.84 10.47 -28.82
CA ILE A 390 26.04 11.32 -28.83
C ILE A 390 27.30 10.48 -29.10
N TYR A 391 28.09 10.90 -30.09
CA TYR A 391 29.39 10.23 -30.39
C TYR A 391 30.51 10.98 -29.72
N VAL A 392 31.41 10.28 -29.06
CA VAL A 392 32.49 10.96 -28.38
C VAL A 392 33.80 10.44 -28.93
N SER A 393 34.66 11.33 -29.37
CA SER A 393 35.97 10.89 -29.91
C SER A 393 36.86 12.08 -30.22
N ALA A 394 38.17 11.87 -30.12
CA ALA A 394 39.10 12.93 -30.48
C ALA A 394 39.24 12.97 -31.99
N THR A 395 38.84 11.88 -32.64
CA THR A 395 38.95 11.75 -34.11
C THR A 395 37.71 11.03 -34.66
N PRO A 396 36.58 11.74 -34.70
CA PRO A 396 35.31 11.18 -35.14
C PRO A 396 35.43 10.48 -36.50
N GLY A 397 34.80 9.31 -36.68
CA GLY A 397 34.81 8.63 -37.95
C GLY A 397 33.87 9.25 -38.99
N PRO A 398 33.92 8.71 -40.20
CA PRO A 398 33.08 9.28 -41.26
C PRO A 398 31.62 9.25 -40.89
N TYR A 399 31.13 8.18 -40.28
CA TYR A 399 29.71 8.10 -39.99
C TYR A 399 29.25 9.23 -39.11
N GLU A 400 29.98 9.48 -38.03
CA GLU A 400 29.59 10.49 -37.06
C GLU A 400 29.45 11.89 -37.68
N LEU A 401 30.52 12.34 -38.36
CA LEU A 401 30.55 13.66 -39.01
C LEU A 401 29.38 13.81 -40.00
N GLU A 402 29.12 12.70 -40.69
CA GLU A 402 28.11 12.66 -41.73
C GLU A 402 26.69 12.83 -41.22
N HIS A 403 26.39 12.38 -40.02
CA HIS A 403 25.02 12.46 -39.53
C HIS A 403 24.80 13.51 -38.43
N SER A 404 25.86 14.20 -38.04
CA SER A 404 25.76 15.15 -36.97
C SER A 404 25.71 16.55 -37.59
N PRO A 405 25.12 17.51 -36.86
CA PRO A 405 25.11 18.94 -37.28
C PRO A 405 26.46 19.61 -37.00
N GLY A 406 27.55 19.20 -37.65
CA GLY A 406 28.85 19.78 -37.34
C GLY A 406 29.35 19.04 -36.10
N VAL A 407 30.24 19.67 -35.34
CA VAL A 407 30.79 19.04 -34.14
C VAL A 407 30.79 19.97 -32.92
N VAL A 408 30.60 19.42 -31.74
CA VAL A 408 30.74 20.23 -30.55
C VAL A 408 32.17 20.01 -30.10
N GLU A 409 32.97 21.08 -30.15
CA GLU A 409 34.38 21.01 -29.85
C GLU A 409 34.76 21.26 -28.40
N GLN A 410 35.55 20.35 -27.89
CA GLN A 410 36.05 20.48 -26.55
C GLN A 410 37.56 20.31 -26.65
N ILE A 411 38.30 21.41 -26.77
CA ILE A 411 39.77 21.34 -26.98
C ILE A 411 40.67 21.84 -25.83
N ILE A 412 40.11 22.61 -24.91
CA ILE A 412 40.92 23.23 -23.90
C ILE A 412 41.12 22.43 -22.64
N ARG A 413 42.36 22.26 -22.29
CA ARG A 413 42.67 21.51 -21.11
C ARG A 413 42.70 22.43 -19.88
N PRO A 414 42.35 21.84 -18.74
CA PRO A 414 42.21 22.55 -17.48
C PRO A 414 43.56 23.05 -16.97
N THR A 415 44.66 22.61 -17.55
CA THR A 415 45.95 23.16 -17.12
C THR A 415 46.55 23.96 -18.22
N GLY A 416 45.79 24.20 -19.29
CA GLY A 416 46.32 24.89 -20.45
C GLY A 416 47.33 24.13 -21.33
N LEU A 417 47.55 22.82 -21.14
CA LEU A 417 48.50 22.12 -21.98
C LEU A 417 48.04 22.14 -23.42
N LEU A 418 49.03 22.25 -24.28
CA LEU A 418 48.84 22.42 -25.68
C LEU A 418 49.11 21.19 -26.44
N ASP A 419 48.41 21.02 -27.55
CA ASP A 419 48.82 19.99 -28.45
C ASP A 419 50.31 20.26 -28.84
N PRO A 420 51.11 19.25 -29.06
CA PRO A 420 52.52 19.47 -29.36
C PRO A 420 52.86 20.10 -30.71
N THR A 421 54.11 20.53 -30.83
CA THR A 421 54.66 20.91 -32.11
C THR A 421 55.08 19.59 -32.79
N ILE A 422 55.30 19.64 -34.10
CA ILE A 422 55.65 18.47 -34.91
C ILE A 422 56.68 18.86 -35.89
N ASP A 423 57.78 18.14 -35.87
CA ASP A 423 58.81 18.28 -36.88
C ASP A 423 58.72 17.02 -37.73
N VAL A 424 58.93 17.15 -39.03
CA VAL A 424 59.05 15.93 -39.82
C VAL A 424 60.44 15.97 -40.44
N ARG A 425 61.16 14.88 -40.28
CA ARG A 425 62.57 14.74 -40.66
C ARG A 425 62.77 13.56 -41.55
N PRO A 426 63.90 13.57 -42.25
CA PRO A 426 64.22 12.50 -43.22
C PRO A 426 64.53 11.22 -42.50
N THR A 427 64.33 10.07 -43.15
CA THR A 427 64.71 8.75 -42.64
C THR A 427 66.23 8.53 -42.59
N LYS A 428 66.98 9.10 -43.53
CA LYS A 428 68.40 8.89 -43.49
C LYS A 428 69.08 9.52 -42.29
N GLY A 429 69.61 8.70 -41.40
CA GLY A 429 70.34 9.17 -40.23
C GLY A 429 69.36 9.32 -39.10
N GLN A 430 68.18 8.77 -39.30
CA GLN A 430 67.13 8.85 -38.30
C GLN A 430 67.54 8.34 -36.92
N ILE A 431 68.18 7.18 -36.84
CA ILE A 431 68.62 6.68 -35.53
C ILE A 431 69.55 7.67 -34.77
N ASP A 432 70.63 8.19 -35.39
CA ASP A 432 71.49 9.14 -34.67
C ASP A 432 70.78 10.49 -34.34
N ASP A 433 69.85 10.88 -35.20
CA ASP A 433 69.06 12.07 -34.96
C ASP A 433 68.32 11.83 -33.66
N LEU A 434 67.60 10.72 -33.66
CA LEU A 434 66.78 10.33 -32.55
C LEU A 434 67.56 10.12 -31.27
N ILE A 435 68.74 9.51 -31.38
CA ILE A 435 69.61 9.28 -30.22
C ILE A 435 69.91 10.61 -29.57
N GLY A 436 70.41 11.55 -30.36
CA GLY A 436 70.76 12.85 -29.83
C GLY A 436 69.59 13.61 -29.24
N GLU A 437 68.37 13.35 -29.70
CA GLU A 437 67.18 14.05 -29.17
C GLU A 437 66.80 13.48 -27.80
N ILE A 438 66.85 12.15 -27.73
CA ILE A 438 66.63 11.45 -26.49
C ILE A 438 67.68 11.94 -25.46
N ARG A 439 68.93 12.05 -25.90
CA ARG A 439 69.99 12.53 -25.01
C ARG A 439 69.61 13.86 -24.38
N GLU A 440 68.95 14.72 -25.14
CA GLU A 440 68.53 16.03 -24.62
C GLU A 440 67.42 15.91 -23.57
N ARG A 441 66.44 15.07 -23.85
CA ARG A 441 65.33 14.79 -22.96
C ARG A 441 65.82 14.20 -21.64
N VAL A 442 66.82 13.32 -21.74
CA VAL A 442 67.43 12.67 -20.57
C VAL A 442 68.12 13.73 -19.74
N GLU A 443 68.85 14.64 -20.36
CA GLU A 443 69.45 15.72 -19.61
C GLU A 443 68.39 16.60 -18.91
N ARG A 444 67.20 16.76 -19.50
CA ARG A 444 66.16 17.63 -18.91
C ARG A 444 65.23 16.84 -18.05
N ASN A 445 65.53 15.55 -17.87
CA ASN A 445 64.77 14.66 -16.99
C ASN A 445 63.36 14.40 -17.54
N GLU A 446 63.30 14.24 -18.86
CA GLU A 446 62.05 13.90 -19.52
C GLU A 446 62.17 12.54 -20.21
N ARG A 447 61.02 11.89 -20.49
CA ARG A 447 60.98 10.57 -21.13
C ARG A 447 60.49 10.67 -22.58
N THR A 448 60.61 9.56 -23.32
CA THR A 448 60.31 9.46 -24.74
C THR A 448 59.55 8.19 -25.11
N LEU A 449 58.62 8.30 -26.04
CA LEU A 449 58.00 7.12 -26.56
C LEU A 449 58.45 7.04 -28.00
N VAL A 450 58.70 5.81 -28.46
CA VAL A 450 59.08 5.57 -29.85
C VAL A 450 58.23 4.48 -30.50
N THR A 451 57.66 4.80 -31.65
CA THR A 451 56.92 3.78 -32.39
C THR A 451 57.49 3.44 -33.78
N THR A 452 57.76 2.17 -34.01
CA THR A 452 58.18 1.65 -35.32
C THR A 452 57.06 0.77 -35.87
N LEU A 453 57.02 0.67 -37.18
CA LEU A 453 55.99 -0.07 -37.87
C LEU A 453 56.03 -1.59 -37.69
N THR A 454 57.22 -2.17 -37.59
CA THR A 454 57.36 -3.62 -37.46
C THR A 454 58.18 -4.03 -36.26
N LYS A 455 57.85 -5.20 -35.75
CA LYS A 455 58.50 -5.83 -34.60
C LYS A 455 60.04 -6.06 -34.79
N LYS A 456 60.48 -6.14 -36.03
CA LYS A 456 61.91 -6.33 -36.26
C LYS A 456 62.62 -5.01 -36.08
N MET A 457 62.03 -3.95 -36.63
CA MET A 457 62.64 -2.62 -36.54
C MET A 457 62.68 -2.16 -35.11
N ALA A 458 61.62 -2.49 -34.37
CA ALA A 458 61.51 -2.18 -32.94
C ALA A 458 62.62 -2.84 -32.15
N GLU A 459 62.81 -4.13 -32.45
CA GLU A 459 63.84 -4.95 -31.81
C GLU A 459 65.24 -4.44 -32.17
N ASP A 460 65.43 -4.02 -33.41
CA ASP A 460 66.75 -3.48 -33.83
C ASP A 460 67.02 -2.18 -33.10
N LEU A 461 66.01 -1.31 -33.06
CA LEU A 461 66.16 -0.03 -32.41
C LEU A 461 66.51 -0.11 -30.95
N THR A 462 65.83 -1.00 -30.21
CA THR A 462 66.09 -1.17 -28.80
C THR A 462 67.55 -1.48 -28.58
N ASP A 463 68.11 -2.35 -29.40
CA ASP A 463 69.52 -2.72 -29.25
C ASP A 463 70.35 -1.51 -29.51
N TYR A 464 70.15 -0.96 -30.69
CA TYR A 464 70.89 0.19 -31.15
C TYR A 464 70.92 1.30 -30.06
N LEU A 465 69.85 1.39 -29.29
CA LEU A 465 69.74 2.38 -28.22
C LEU A 465 70.45 1.97 -26.94
N LYS A 466 70.40 0.69 -26.60
CA LYS A 466 71.10 0.18 -25.43
C LYS A 466 72.60 0.37 -25.63
N GLU A 467 73.08 0.14 -26.85
CA GLU A 467 74.49 0.27 -27.18
C GLU A 467 74.95 1.70 -27.03
N ALA A 468 73.99 2.62 -27.14
CA ALA A 468 74.27 4.05 -27.07
C ALA A 468 74.33 4.60 -25.63
N GLY A 469 74.01 3.75 -24.65
CA GLY A 469 74.07 4.12 -23.25
C GLY A 469 72.76 4.63 -22.68
N ILE A 470 71.70 4.51 -23.46
CA ILE A 470 70.37 4.96 -23.07
C ILE A 470 69.55 3.80 -22.53
N LYS A 471 68.92 4.03 -21.37
CA LYS A 471 68.10 3.00 -20.71
C LYS A 471 66.76 2.91 -21.38
N VAL A 472 66.51 1.80 -22.05
CA VAL A 472 65.29 1.67 -22.82
C VAL A 472 64.63 0.36 -22.62
N ALA A 473 63.31 0.35 -22.68
CA ALA A 473 62.58 -0.87 -22.50
C ALA A 473 61.70 -1.13 -23.71
N TYR A 474 61.60 -2.41 -24.07
CA TYR A 474 60.84 -2.84 -25.21
C TYR A 474 59.48 -3.38 -24.79
N LEU A 475 58.44 -2.78 -25.30
CA LEU A 475 57.08 -3.18 -24.99
C LEU A 475 56.55 -4.10 -26.06
N HIS A 476 56.96 -5.36 -25.92
CA HIS A 476 56.60 -6.49 -26.77
C HIS A 476 55.11 -6.55 -27.09
N SER A 477 54.82 -6.66 -28.39
CA SER A 477 53.44 -6.70 -28.97
C SER A 477 52.39 -7.57 -28.25
N GLU A 478 52.84 -8.48 -27.40
CA GLU A 478 51.98 -9.33 -26.56
C GLU A 478 52.80 -9.69 -25.33
N ILE A 479 52.68 -8.86 -24.29
CA ILE A 479 53.39 -9.05 -23.03
C ILE A 479 52.32 -9.07 -21.92
N LYS A 480 52.65 -9.70 -20.78
CA LYS A 480 51.73 -9.82 -19.63
C LYS A 480 51.04 -8.49 -19.25
N THR A 481 49.72 -8.42 -19.38
CA THR A 481 48.97 -7.21 -19.03
C THR A 481 49.35 -6.64 -17.64
N LEU A 482 49.85 -7.50 -16.76
CA LEU A 482 50.29 -7.08 -15.43
C LEU A 482 51.73 -6.55 -15.44
N GLU A 483 52.51 -6.94 -16.44
CA GLU A 483 53.88 -6.47 -16.59
C GLU A 483 53.90 -5.13 -17.30
N ARG A 484 52.88 -4.88 -18.15
CA ARG A 484 52.76 -3.60 -18.85
C ARG A 484 52.86 -2.54 -17.79
N ILE A 485 51.91 -2.57 -16.86
CA ILE A 485 51.82 -1.61 -15.77
C ILE A 485 53.18 -1.43 -15.08
N GLU A 486 53.90 -2.54 -14.89
CA GLU A 486 55.22 -2.50 -14.24
C GLU A 486 56.30 -1.77 -15.05
N ILE A 487 56.33 -1.98 -16.36
CA ILE A 487 57.34 -1.33 -17.16
C ILE A 487 57.02 0.17 -17.32
N ILE A 488 55.76 0.46 -17.63
CA ILE A 488 55.28 1.82 -17.74
C ILE A 488 55.55 2.52 -16.43
N ARG A 489 55.07 1.96 -15.33
CA ARG A 489 55.32 2.54 -14.02
C ARG A 489 56.80 2.83 -13.81
N ASP A 490 57.67 1.98 -14.36
CA ASP A 490 59.11 2.17 -14.19
C ASP A 490 59.68 3.31 -15.04
N LEU A 491 59.05 3.58 -16.18
CA LEU A 491 59.46 4.67 -17.06
C LEU A 491 59.18 5.98 -16.35
N ARG A 492 58.05 6.03 -15.64
CA ARG A 492 57.68 7.22 -14.88
C ARG A 492 58.70 7.43 -13.81
N LEU A 493 59.16 6.35 -13.21
CA LEU A 493 60.17 6.46 -12.16
C LEU A 493 61.56 6.79 -12.72
N GLY A 494 61.71 6.63 -14.04
CA GLY A 494 62.99 6.87 -14.69
C GLY A 494 63.98 5.70 -14.61
N LYS A 495 63.47 4.48 -14.38
CA LYS A 495 64.29 3.27 -14.41
C LYS A 495 64.62 3.14 -15.89
N TYR A 496 63.67 3.57 -16.71
CA TYR A 496 63.79 3.67 -18.14
C TYR A 496 63.59 5.13 -18.59
N ASP A 497 64.34 5.54 -19.62
CA ASP A 497 64.25 6.88 -20.21
C ASP A 497 63.42 6.90 -21.50
N VAL A 498 63.48 5.80 -22.25
CA VAL A 498 62.71 5.65 -23.48
C VAL A 498 61.92 4.37 -23.42
N LEU A 499 60.90 4.25 -24.24
CA LEU A 499 60.08 3.08 -24.30
C LEU A 499 59.68 2.89 -25.75
N VAL A 500 60.11 1.77 -26.33
CA VAL A 500 59.82 1.45 -27.73
C VAL A 500 58.68 0.46 -27.83
N GLY A 501 57.76 0.68 -28.76
CA GLY A 501 56.64 -0.24 -28.96
C GLY A 501 56.09 -0.05 -30.35
N ILE A 502 55.20 -0.93 -30.79
CA ILE A 502 54.63 -0.83 -32.12
C ILE A 502 53.36 -0.03 -32.08
N ASN A 503 52.46 -0.40 -31.16
CA ASN A 503 51.17 0.23 -30.98
C ASN A 503 51.24 1.05 -29.71
N LEU A 504 51.10 2.35 -29.87
CA LEU A 504 51.14 3.23 -28.73
C LEU A 504 49.72 3.68 -28.39
N LEU A 505 48.72 3.11 -29.06
CA LEU A 505 47.34 3.45 -28.76
C LEU A 505 46.75 2.60 -27.60
N ARG A 506 47.46 1.53 -27.21
CA ARG A 506 46.99 0.69 -26.13
C ARG A 506 47.15 1.49 -24.83
N GLU A 507 46.07 1.52 -24.03
CA GLU A 507 45.98 2.27 -22.77
C GLU A 507 47.14 2.16 -21.77
N GLY A 508 47.22 3.17 -20.92
CA GLY A 508 48.23 3.28 -19.88
C GLY A 508 49.46 4.00 -20.40
N LEU A 509 49.33 4.58 -21.58
CA LEU A 509 50.47 5.23 -22.20
C LEU A 509 50.32 6.73 -22.18
N ASP A 510 49.51 7.24 -21.28
CA ASP A 510 49.32 8.68 -21.10
C ASP A 510 50.23 9.01 -19.93
N ILE A 511 51.42 9.51 -20.20
CA ILE A 511 52.40 9.71 -19.16
C ILE A 511 52.91 11.14 -19.16
N PRO A 512 52.64 11.86 -18.09
CA PRO A 512 53.08 13.24 -17.95
C PRO A 512 54.56 13.41 -18.15
N GLU A 513 55.36 12.41 -17.82
CA GLU A 513 56.79 12.55 -17.92
C GLU A 513 57.27 12.47 -19.37
N VAL A 514 56.39 12.06 -20.28
CA VAL A 514 56.78 11.90 -21.67
C VAL A 514 56.65 13.24 -22.34
N SER A 515 57.76 13.74 -22.87
CA SER A 515 57.72 15.04 -23.55
C SER A 515 58.07 14.92 -25.01
N LEU A 516 58.46 13.72 -25.43
CA LEU A 516 58.80 13.47 -26.83
C LEU A 516 58.24 12.12 -27.30
N VAL A 517 57.65 12.14 -28.50
CA VAL A 517 57.08 10.98 -29.15
C VAL A 517 57.68 10.92 -30.57
N ALA A 518 58.43 9.87 -30.85
CA ALA A 518 59.05 9.68 -32.16
C ALA A 518 58.24 8.66 -32.95
N ILE A 519 57.89 9.03 -34.18
CA ILE A 519 57.13 8.15 -35.03
C ILE A 519 58.02 7.77 -36.19
N LEU A 520 58.62 6.57 -36.13
CA LEU A 520 59.37 6.03 -37.27
C LEU A 520 58.41 5.56 -38.38
N ASP A 521 58.85 5.59 -39.63
CA ASP A 521 58.00 5.25 -40.78
C ASP A 521 56.66 5.98 -40.78
N ALA A 522 56.66 7.29 -40.52
CA ALA A 522 55.38 8.03 -40.49
C ALA A 522 54.56 7.91 -41.81
N ASP A 523 55.27 7.72 -42.91
CA ASP A 523 54.66 7.65 -44.23
C ASP A 523 54.32 6.26 -44.79
N LYS A 524 54.60 5.21 -44.04
CA LYS A 524 54.32 3.87 -44.55
C LYS A 524 52.83 3.54 -44.47
N GLU A 525 52.44 2.46 -45.14
CA GLU A 525 51.05 2.03 -45.17
C GLU A 525 50.83 1.16 -43.94
N GLY A 526 49.68 1.35 -43.30
CA GLY A 526 49.37 0.62 -42.09
C GLY A 526 48.27 1.32 -41.34
N PHE A 527 47.49 0.52 -40.60
CA PHE A 527 46.42 1.07 -39.81
C PHE A 527 47.02 2.05 -38.81
N LEU A 528 48.21 1.78 -38.31
CA LEU A 528 48.79 2.71 -37.36
C LEU A 528 49.34 4.03 -37.96
N ARG A 529 49.24 4.24 -39.27
CA ARG A 529 49.73 5.50 -39.85
C ARG A 529 48.63 6.28 -40.53
N SER A 530 47.40 5.96 -40.17
CA SER A 530 46.29 6.72 -40.70
C SER A 530 46.11 8.08 -39.96
N GLU A 531 45.33 8.92 -40.60
CA GLU A 531 44.96 10.22 -40.14
C GLU A 531 44.58 10.08 -38.68
N ARG A 532 43.68 9.15 -38.42
CA ARG A 532 43.23 8.95 -37.05
C ARG A 532 44.29 8.41 -36.11
N SER A 533 45.03 7.41 -36.50
CA SER A 533 46.03 6.89 -35.56
C SER A 533 47.17 7.89 -35.24
N LEU A 534 47.56 8.70 -36.23
CA LEU A 534 48.63 9.68 -36.03
C LEU A 534 48.18 10.71 -35.02
N ILE A 535 46.96 11.24 -35.16
CA ILE A 535 46.46 12.21 -34.20
C ILE A 535 46.41 11.54 -32.84
N GLN A 536 45.95 10.29 -32.80
CA GLN A 536 45.88 9.65 -31.51
C GLN A 536 47.28 9.54 -30.95
N THR A 537 48.28 9.43 -31.80
CA THR A 537 49.64 9.21 -31.31
C THR A 537 50.28 10.47 -30.90
N ILE A 538 50.09 11.51 -31.72
CA ILE A 538 50.59 12.81 -31.38
C ILE A 538 50.08 13.18 -29.97
N GLY A 539 48.86 12.80 -29.65
CA GLY A 539 48.27 13.13 -28.37
C GLY A 539 49.04 12.61 -27.18
N ARG A 540 49.91 11.62 -27.36
CA ARG A 540 50.68 11.10 -26.26
C ARG A 540 51.71 12.11 -25.80
N ALA A 541 51.84 13.21 -26.53
CA ALA A 541 52.77 14.25 -26.13
C ALA A 541 52.01 15.48 -25.60
N ALA A 542 50.71 15.36 -25.40
CA ALA A 542 49.88 16.46 -24.94
C ALA A 542 49.78 16.51 -23.44
N ARG A 543 50.50 15.67 -22.74
CA ARG A 543 50.40 15.64 -21.30
C ARG A 543 51.54 16.40 -20.68
N ASN A 544 52.49 16.85 -21.51
CA ASN A 544 53.65 17.57 -21.02
C ASN A 544 53.79 18.96 -21.65
N ALA A 545 54.08 19.93 -20.79
CA ALA A 545 54.26 21.33 -21.20
C ALA A 545 55.27 21.52 -22.28
N ASN A 546 56.22 20.60 -22.42
CA ASN A 546 57.19 20.70 -23.51
C ASN A 546 57.01 19.66 -24.59
N GLY A 547 55.86 19.00 -24.61
CA GLY A 547 55.56 17.98 -25.61
C GLY A 547 55.87 18.39 -27.05
N HIS A 548 56.59 17.50 -27.74
CA HIS A 548 57.02 17.68 -29.10
C HIS A 548 56.98 16.30 -29.72
N VAL A 549 56.71 16.24 -31.02
CA VAL A 549 56.66 15.02 -31.81
C VAL A 549 57.59 15.12 -33.05
N ILE A 550 58.26 14.01 -33.38
CA ILE A 550 59.13 13.95 -34.53
C ILE A 550 58.71 12.82 -35.42
N MET A 551 58.26 13.15 -36.62
CA MET A 551 57.91 12.11 -37.59
C MET A 551 59.06 11.97 -38.53
N TYR A 552 59.53 10.75 -38.76
CA TYR A 552 60.61 10.41 -39.69
C TYR A 552 59.94 9.79 -40.94
N ALA A 553 60.29 10.30 -42.11
CA ALA A 553 59.60 9.87 -43.30
C ALA A 553 60.29 10.43 -44.51
N ASP A 554 60.03 9.83 -45.68
CA ASP A 554 60.61 10.38 -46.91
C ASP A 554 59.62 11.24 -47.64
N THR A 555 58.37 11.09 -47.26
CA THR A 555 57.34 11.77 -47.98
C THR A 555 56.23 12.35 -47.10
N ILE A 556 55.45 13.26 -47.65
CA ILE A 556 54.33 13.74 -46.84
C ILE A 556 53.02 13.21 -47.36
N THR A 557 52.55 12.13 -46.75
CA THR A 557 51.26 11.52 -47.11
C THR A 557 50.09 12.39 -46.71
N LYS A 558 48.95 12.09 -47.33
CA LYS A 558 47.66 12.72 -47.00
C LYS A 558 47.35 12.57 -45.50
N SER A 559 47.60 11.40 -44.92
CA SER A 559 47.40 11.22 -43.48
C SER A 559 48.29 12.18 -42.69
N MET A 560 49.52 12.37 -43.14
CA MET A 560 50.38 13.25 -42.37
C MET A 560 49.90 14.69 -42.43
N GLU A 561 49.61 15.19 -43.62
CA GLU A 561 49.14 16.58 -43.78
C GLU A 561 47.98 16.81 -42.83
N ILE A 562 46.95 15.99 -42.96
CA ILE A 562 45.79 16.08 -42.09
C ILE A 562 46.11 16.13 -40.56
N ALA A 563 46.81 15.10 -40.05
CA ALA A 563 47.17 15.14 -38.65
C ALA A 563 47.98 16.42 -38.30
N ILE A 564 48.93 16.81 -39.16
CA ILE A 564 49.72 17.98 -38.86
C ILE A 564 48.83 19.24 -38.84
N GLN A 565 47.97 19.38 -39.84
CA GLN A 565 47.09 20.52 -39.87
C GLN A 565 46.20 20.56 -38.61
N GLU A 566 45.57 19.43 -38.25
CA GLU A 566 44.68 19.39 -37.11
C GLU A 566 45.40 19.76 -35.83
N THR A 567 46.60 19.22 -35.68
CA THR A 567 47.38 19.52 -34.51
C THR A 567 47.70 21.04 -34.41
N LYS A 568 48.02 21.67 -35.54
CA LYS A 568 48.32 23.10 -35.65
C LYS A 568 47.07 23.88 -35.27
N ARG A 569 45.93 23.38 -35.71
CA ARG A 569 44.70 24.08 -35.47
C ARG A 569 44.36 24.05 -33.98
N ARG A 570 44.52 22.88 -33.35
CA ARG A 570 44.19 22.77 -31.94
C ARG A 570 45.11 23.64 -31.07
N ARG A 571 46.42 23.61 -31.33
CA ARG A 571 47.40 24.41 -30.60
C ARG A 571 47.11 25.92 -30.69
N ALA A 572 46.87 26.43 -31.89
CA ALA A 572 46.60 27.85 -32.02
C ALA A 572 45.44 28.26 -31.14
N ILE A 573 44.36 27.44 -31.17
CA ILE A 573 43.17 27.74 -30.39
C ILE A 573 43.50 27.72 -28.87
N GLN A 574 44.25 26.73 -28.45
CA GLN A 574 44.67 26.59 -27.08
C GLN A 574 45.55 27.77 -26.67
N GLU A 575 46.42 28.23 -27.57
CA GLU A 575 47.28 29.36 -27.28
C GLU A 575 46.43 30.64 -27.15
N GLU A 576 45.49 30.80 -28.07
CA GLU A 576 44.59 31.92 -28.02
C GLU A 576 43.87 31.91 -26.65
N TYR A 577 43.47 30.74 -26.15
CA TYR A 577 42.80 30.62 -24.84
C TYR A 577 43.72 31.01 -23.65
N ASN A 578 44.93 30.45 -23.60
CA ASN A 578 45.83 30.79 -22.52
C ASN A 578 46.12 32.30 -22.50
N ARG A 579 46.18 32.91 -23.69
CA ARG A 579 46.51 34.33 -23.80
C ARG A 579 45.39 35.14 -23.14
N LYS A 580 44.15 34.81 -23.47
CA LYS A 580 42.99 35.50 -22.96
C LYS A 580 42.73 35.34 -21.44
N HIS A 581 43.16 34.24 -20.89
CA HIS A 581 42.80 33.92 -19.53
C HIS A 581 43.96 33.98 -18.60
N GLY A 582 45.15 34.23 -19.10
CA GLY A 582 46.31 34.34 -18.25
C GLY A 582 46.87 33.03 -17.76
N ILE A 583 46.83 31.98 -18.57
CA ILE A 583 47.27 30.65 -18.18
C ILE A 583 48.64 30.30 -18.70
N VAL A 584 49.53 29.89 -17.83
CA VAL A 584 50.82 29.31 -18.24
C VAL A 584 50.59 27.79 -18.25
N PRO A 585 50.86 27.08 -19.35
CA PRO A 585 50.66 25.63 -19.34
C PRO A 585 51.63 24.94 -18.42
N ARG A 586 51.19 23.99 -17.59
CA ARG A 586 52.17 23.18 -16.86
C ARG A 586 51.74 21.74 -16.71
N THR A 587 52.74 20.87 -16.64
CA THR A 587 52.58 19.43 -16.55
C THR A 587 51.74 18.98 -15.34
N VAL A 588 50.73 18.17 -15.64
CA VAL A 588 49.83 17.66 -14.60
C VAL A 588 50.55 16.62 -13.79
N LYS A 589 50.79 16.89 -12.52
CA LYS A 589 51.47 15.89 -11.70
C LYS A 589 50.53 14.73 -11.35
N LYS A 590 51.11 13.55 -11.16
CA LYS A 590 50.34 12.37 -10.80
C LYS A 590 51.23 11.49 -9.95
N GLU A 591 50.65 10.93 -8.89
CA GLU A 591 51.42 10.07 -8.01
C GLU A 591 51.57 8.72 -8.69
N ILE A 592 52.59 7.97 -8.30
CA ILE A 592 52.79 6.65 -8.87
C ILE A 592 52.25 5.48 -8.01
N ARG A 593 51.54 4.55 -8.64
CA ARG A 593 50.92 3.40 -7.97
C ARG A 593 51.90 2.26 -7.65
N ASP A 594 51.43 1.29 -6.85
CA ASP A 594 52.22 0.12 -6.39
C ASP A 594 51.48 -1.22 -6.60
N VAL A 595 51.39 -2.03 -5.54
CA VAL A 595 50.71 -3.33 -5.55
C VAL A 595 49.18 -3.17 -5.64
N VAL B 1 -58.41 15.11 34.71
CA VAL B 1 -57.11 15.89 34.77
C VAL B 1 -55.83 15.02 34.61
N GLU B 2 -55.12 15.22 33.48
CA GLU B 2 -53.88 14.50 33.21
C GLU B 2 -52.67 15.04 34.01
N GLY B 3 -51.82 14.10 34.46
CA GLY B 3 -50.60 14.35 35.20
C GLY B 3 -49.66 15.16 34.34
N ARG B 4 -48.85 16.02 34.96
CA ARG B 4 -47.97 16.92 34.20
C ARG B 4 -46.47 16.87 34.49
N PHE B 5 -45.70 16.97 33.43
CA PHE B 5 -44.27 17.05 33.57
C PHE B 5 -43.89 18.24 34.42
N GLN B 6 -42.95 17.99 35.29
CA GLN B 6 -42.40 18.98 36.17
C GLN B 6 -40.89 18.90 36.10
N LEU B 7 -40.31 19.71 35.24
CA LEU B 7 -38.87 19.78 35.09
C LEU B 7 -38.15 20.33 36.34
N VAL B 8 -37.06 19.68 36.72
CA VAL B 8 -36.29 20.13 37.87
C VAL B 8 -34.85 20.28 37.42
N ALA B 9 -34.33 21.50 37.57
CA ALA B 9 -32.95 21.83 37.21
C ALA B 9 -32.46 23.02 38.03
N PRO B 10 -31.24 22.95 38.55
CA PRO B 10 -30.69 24.10 39.26
C PRO B 10 -30.30 25.26 38.30
N TYR B 11 -30.59 25.17 36.99
CA TYR B 11 -30.21 26.24 36.05
C TYR B 11 -31.33 26.59 35.06
N GLU B 12 -31.11 27.63 34.28
CA GLU B 12 -32.12 28.08 33.33
C GLU B 12 -31.60 27.71 31.93
N PRO B 13 -32.43 27.70 30.88
CA PRO B 13 -31.90 27.52 29.51
C PRO B 13 -31.02 28.72 29.20
N GLN B 14 -29.87 28.46 28.58
CA GLN B 14 -28.95 29.52 28.24
C GLN B 14 -28.33 29.24 26.87
N GLY B 15 -27.39 30.09 26.44
CA GLY B 15 -26.64 29.91 25.19
C GLY B 15 -27.62 30.07 24.06
N ASP B 16 -27.70 29.16 23.12
CA ASP B 16 -28.78 29.30 22.12
C ASP B 16 -29.95 28.31 22.39
N GLN B 17 -29.93 27.70 23.59
CA GLN B 17 -30.99 26.81 24.04
C GLN B 17 -32.42 27.42 23.94
N PRO B 18 -32.64 28.66 24.41
CA PRO B 18 -34.00 29.25 24.36
C PRO B 18 -34.58 29.26 22.97
N GLN B 19 -33.76 29.66 22.02
CA GLN B 19 -34.19 29.77 20.63
C GLN B 19 -34.46 28.33 20.11
N ALA B 20 -33.63 27.39 20.54
CA ALA B 20 -33.76 26.00 20.18
C ALA B 20 -35.07 25.44 20.74
N ILE B 21 -35.31 25.69 22.03
CA ILE B 21 -36.50 25.21 22.70
C ILE B 21 -37.74 25.81 22.03
N ALA B 22 -37.71 27.11 21.78
CA ALA B 22 -38.90 27.72 21.17
C ALA B 22 -39.22 27.19 19.75
N LYS B 23 -38.19 27.07 18.91
CA LYS B 23 -38.49 26.60 17.56
C LYS B 23 -39.07 25.18 17.49
N LEU B 24 -38.52 24.22 18.25
CA LEU B 24 -38.99 22.85 18.16
C LEU B 24 -40.38 22.74 18.73
N VAL B 25 -40.67 23.54 19.76
CA VAL B 25 -41.96 23.54 20.41
C VAL B 25 -42.97 24.14 19.44
N ASP B 26 -42.59 25.23 18.80
CA ASP B 26 -43.44 25.89 17.82
C ASP B 26 -43.73 24.90 16.69
N GLY B 27 -42.71 24.19 16.24
CA GLY B 27 -42.91 23.17 15.24
C GLY B 27 -43.89 22.10 15.69
N LEU B 28 -43.75 21.63 16.92
CA LEU B 28 -44.62 20.55 17.39
C LEU B 28 -46.07 21.04 17.32
N ARG B 29 -46.31 22.24 17.87
CA ARG B 29 -47.61 22.86 17.90
C ARG B 29 -48.21 23.11 16.54
N ARG B 30 -47.38 23.42 15.54
CA ARG B 30 -47.87 23.67 14.15
C ARG B 30 -48.07 22.36 13.36
N GLY B 31 -48.05 21.22 14.03
CA GLY B 31 -48.24 19.98 13.31
C GLY B 31 -47.05 19.43 12.50
N VAL B 32 -45.86 20.03 12.57
CA VAL B 32 -44.72 19.55 11.81
C VAL B 32 -44.36 18.11 12.22
N LYS B 33 -44.36 17.18 11.25
CA LYS B 33 -44.02 15.76 11.51
C LYS B 33 -42.51 15.46 11.85
N HIS B 34 -41.56 15.97 11.05
CA HIS B 34 -40.17 15.71 11.34
C HIS B 34 -39.48 17.04 11.60
N GLN B 35 -38.58 17.05 12.57
CA GLN B 35 -37.79 18.22 12.86
C GLN B 35 -36.40 17.71 13.26
N THR B 36 -35.37 18.53 13.17
CA THR B 36 -34.03 18.09 13.57
C THR B 36 -33.37 19.08 14.48
N LEU B 37 -32.77 18.56 15.56
CA LEU B 37 -31.98 19.38 16.48
C LEU B 37 -30.49 19.15 16.16
N LEU B 38 -29.92 20.09 15.41
CA LEU B 38 -28.49 20.09 15.12
C LEU B 38 -27.89 20.65 16.39
N GLY B 39 -27.33 19.78 17.22
CA GLY B 39 -26.90 20.19 18.53
C GLY B 39 -25.52 19.71 18.81
N ALA B 40 -24.65 20.71 19.03
CA ALA B 40 -23.23 20.45 19.23
C ALA B 40 -23.08 19.79 20.54
N THR B 41 -22.03 18.99 20.62
CA THR B 41 -21.77 18.21 21.80
C THR B 41 -21.24 19.19 22.77
N GLY B 42 -21.71 19.12 23.99
CA GLY B 42 -21.19 20.00 25.01
C GLY B 42 -22.19 21.03 25.38
N THR B 43 -23.24 21.16 24.61
CA THR B 43 -24.29 21.91 25.24
C THR B 43 -25.18 20.87 25.91
N GLY B 44 -26.16 21.36 26.64
CA GLY B 44 -27.07 20.43 27.25
C GLY B 44 -28.12 20.01 26.25
N LYS B 45 -27.76 19.16 25.28
CA LYS B 45 -28.74 18.56 24.36
C LYS B 45 -29.93 17.94 25.17
N THR B 46 -29.62 17.21 26.25
CA THR B 46 -30.67 16.55 27.02
C THR B 46 -31.59 17.53 27.72
N PHE B 47 -31.06 18.67 28.16
CA PHE B 47 -31.87 19.66 28.87
C PHE B 47 -32.83 20.33 27.85
N THR B 48 -32.30 20.67 26.68
CA THR B 48 -33.10 21.22 25.62
C THR B 48 -34.29 20.30 25.35
N ILE B 49 -34.00 19.04 25.05
CA ILE B 49 -35.07 18.09 24.76
C ILE B 49 -36.09 18.03 25.92
N SER B 50 -35.62 18.02 27.17
CA SER B 50 -36.50 17.99 28.35
C SER B 50 -37.44 19.22 28.42
N ASN B 51 -36.91 20.38 28.06
CA ASN B 51 -37.70 21.58 28.07
C ASN B 51 -38.82 21.46 27.06
N VAL B 52 -38.51 20.87 25.90
CA VAL B 52 -39.49 20.65 24.86
C VAL B 52 -40.56 19.68 25.37
N ILE B 53 -40.11 18.59 25.99
CA ILE B 53 -41.02 17.64 26.57
C ILE B 53 -41.90 18.34 27.62
N ALA B 54 -41.32 19.14 28.50
CA ALA B 54 -42.10 19.73 29.57
C ALA B 54 -43.20 20.60 28.98
N GLN B 55 -42.84 21.43 28.00
CA GLN B 55 -43.77 22.37 27.39
C GLN B 55 -44.83 21.73 26.45
N VAL B 56 -44.63 20.52 25.94
CA VAL B 56 -45.72 20.03 25.10
C VAL B 56 -46.58 18.99 25.82
N ASN B 57 -46.09 18.49 26.94
CA ASN B 57 -46.75 17.46 27.71
C ASN B 57 -47.25 16.24 26.92
N LYS B 58 -46.32 15.58 26.28
CA LYS B 58 -46.71 14.48 25.49
C LYS B 58 -45.91 13.28 25.96
N PRO B 59 -46.56 12.15 26.13
CA PRO B 59 -45.86 10.95 26.59
C PRO B 59 -44.81 10.69 25.48
N THR B 60 -43.55 10.51 25.87
CA THR B 60 -42.45 10.50 24.92
C THR B 60 -41.57 9.26 24.89
N LEU B 61 -41.01 8.97 23.74
CA LEU B 61 -40.15 7.81 23.60
C LEU B 61 -38.81 8.34 23.09
N VAL B 62 -37.76 8.09 23.87
CA VAL B 62 -36.45 8.50 23.43
C VAL B 62 -35.66 7.27 23.05
N ILE B 63 -35.23 7.22 21.80
CA ILE B 63 -34.61 6.02 21.27
C ILE B 63 -33.11 6.13 21.17
N ALA B 64 -32.38 5.24 21.83
CA ALA B 64 -30.93 5.26 21.76
C ALA B 64 -30.38 4.09 20.92
N HIS B 65 -29.19 4.20 20.36
CA HIS B 65 -28.64 3.12 19.56
C HIS B 65 -27.82 2.04 20.31
N ASN B 66 -27.46 2.26 21.56
CA ASN B 66 -26.82 1.19 22.34
C ASN B 66 -27.32 1.22 23.76
N LYS B 67 -26.86 0.29 24.57
CA LYS B 67 -27.25 0.16 25.97
C LYS B 67 -26.61 1.22 26.81
N THR B 68 -25.40 1.63 26.53
CA THR B 68 -24.87 2.62 27.47
C THR B 68 -25.53 3.99 27.30
N LEU B 69 -25.68 4.46 26.06
CA LEU B 69 -26.38 5.72 25.78
C LEU B 69 -27.79 5.69 26.36
N ALA B 70 -28.51 4.59 26.20
CA ALA B 70 -29.83 4.50 26.81
C ALA B 70 -29.78 4.77 28.33
N GLY B 71 -28.85 4.09 29.01
CA GLY B 71 -28.69 4.26 30.43
C GLY B 71 -28.31 5.66 30.86
N GLN B 72 -27.54 6.34 30.02
CA GLN B 72 -27.07 7.71 30.32
C GLN B 72 -28.30 8.63 30.29
N LEU B 73 -29.05 8.55 29.19
CA LEU B 73 -30.29 9.30 29.00
C LEU B 73 -31.27 9.02 30.15
N TYR B 74 -31.34 7.78 30.56
CA TYR B 74 -32.28 7.39 31.59
C TYR B 74 -31.95 8.05 32.90
N SER B 75 -30.69 7.95 33.28
CA SER B 75 -30.23 8.52 34.53
C SER B 75 -30.38 10.07 34.57
N GLU B 76 -29.94 10.77 33.52
CA GLU B 76 -30.18 12.22 33.45
C GLU B 76 -31.69 12.55 33.48
N LEU B 77 -32.52 11.81 32.75
CA LEU B 77 -33.96 12.08 32.74
C LEU B 77 -34.63 11.82 34.10
N LYS B 78 -34.14 10.80 34.83
CA LYS B 78 -34.66 10.54 36.18
C LYS B 78 -34.42 11.78 37.02
N GLU B 79 -33.23 12.37 36.87
CA GLU B 79 -32.90 13.58 37.60
C GLU B 79 -33.70 14.81 37.15
N PHE B 80 -33.85 15.05 35.84
CA PHE B 80 -34.66 16.20 35.37
C PHE B 80 -36.19 16.09 35.70
N PHE B 81 -36.69 14.87 35.87
CA PHE B 81 -38.12 14.64 36.11
C PHE B 81 -38.37 13.70 37.27
N PRO B 82 -37.97 14.09 38.47
CA PRO B 82 -38.01 13.16 39.60
C PRO B 82 -39.41 12.79 40.03
N HIS B 83 -40.42 13.51 39.53
CA HIS B 83 -41.81 13.29 39.95
C HIS B 83 -42.65 12.69 38.89
N ASN B 84 -42.12 12.52 37.69
CA ASN B 84 -42.92 11.94 36.63
C ASN B 84 -42.47 10.50 36.41
N ALA B 85 -43.05 9.79 35.46
CA ALA B 85 -42.67 8.39 35.23
C ALA B 85 -41.59 8.26 34.14
N VAL B 86 -40.38 7.93 34.55
CA VAL B 86 -39.29 7.77 33.58
C VAL B 86 -38.99 6.30 33.50
N GLU B 87 -39.01 5.78 32.28
CA GLU B 87 -38.82 4.35 32.14
C GLU B 87 -37.72 3.91 31.19
N TYR B 88 -37.45 2.61 31.28
CA TYR B 88 -36.37 1.99 30.58
C TYR B 88 -36.85 0.72 29.87
N PHE B 89 -36.71 0.72 28.55
CA PHE B 89 -37.18 -0.38 27.75
C PHE B 89 -36.15 -0.97 26.78
N VAL B 90 -35.51 -2.05 27.22
CA VAL B 90 -34.61 -2.83 26.36
C VAL B 90 -35.10 -4.30 26.26
N SER B 91 -34.41 -5.09 25.43
CA SER B 91 -34.75 -6.49 25.26
C SER B 91 -33.56 -7.48 25.31
N TYR B 92 -33.88 -8.76 25.12
CA TYR B 92 -32.94 -9.89 24.96
C TYR B 92 -31.66 -9.52 24.25
N TYR B 93 -31.83 -9.08 23.00
CA TYR B 93 -30.78 -8.69 22.02
C TYR B 93 -29.60 -7.81 22.47
N ASP B 94 -29.85 -6.87 23.40
CA ASP B 94 -28.80 -5.94 23.90
C ASP B 94 -27.37 -6.52 24.10
N TYR B 95 -27.31 -7.75 24.68
CA TYR B 95 -26.05 -8.54 24.89
C TYR B 95 -26.29 -10.06 24.75
N ALA B 96 -27.54 -10.50 24.57
CA ALA B 96 -27.76 -11.95 24.40
C ALA B 96 -28.14 -12.36 22.97
N GLN B 97 -27.94 -13.65 22.67
CA GLN B 97 -28.15 -14.22 21.32
C GLN B 97 -29.45 -15.03 21.06
N PRO B 98 -30.15 -14.64 20.00
CA PRO B 98 -31.43 -15.26 19.61
C PRO B 98 -31.29 -16.68 19.08
N GLU B 99 -32.34 -17.50 19.23
CA GLU B 99 -32.41 -18.86 18.68
C GLU B 99 -31.85 -18.79 17.26
N ALA B 100 -31.01 -19.78 16.91
CA ALA B 100 -30.39 -19.86 15.58
C ALA B 100 -29.89 -21.24 15.19
N TYR B 101 -29.64 -21.38 13.91
CA TYR B 101 -29.12 -22.61 13.36
C TYR B 101 -28.05 -22.32 12.32
N VAL B 102 -26.90 -22.98 12.44
CA VAL B 102 -25.86 -22.87 11.41
C VAL B 102 -25.93 -24.17 10.60
N PRO B 103 -26.54 -24.12 9.42
CA PRO B 103 -26.73 -25.32 8.59
C PRO B 103 -25.39 -25.99 8.28
N GLN B 104 -24.37 -25.18 8.00
CA GLN B 104 -23.04 -25.66 7.60
C GLN B 104 -22.41 -26.58 8.65
N THR B 105 -22.57 -26.22 9.91
CA THR B 105 -22.01 -27.04 10.97
C THR B 105 -23.06 -27.90 11.73
N ASP B 106 -24.34 -27.83 11.34
CA ASP B 106 -25.45 -28.54 12.03
C ASP B 106 -25.57 -28.17 13.54
N THR B 107 -25.30 -26.90 13.87
CA THR B 107 -25.36 -26.39 15.24
C THR B 107 -26.65 -25.58 15.46
N TYR B 108 -27.42 -26.01 16.45
CA TYR B 108 -28.64 -25.33 16.82
C TYR B 108 -28.34 -24.48 18.05
N ILE B 109 -28.59 -23.19 17.95
CA ILE B 109 -28.32 -22.29 19.06
C ILE B 109 -29.64 -21.98 19.73
N GLU B 110 -29.86 -22.64 20.86
CA GLU B 110 -31.06 -22.43 21.67
C GLU B 110 -31.06 -20.98 22.16
N LYS B 111 -32.25 -20.38 22.10
CA LYS B 111 -32.52 -19.06 22.66
C LYS B 111 -32.37 -19.44 24.13
N ASP B 112 -31.75 -18.61 24.95
CA ASP B 112 -31.36 -19.12 26.26
C ASP B 112 -31.44 -18.21 27.49
N ALA B 113 -30.25 -17.69 27.86
CA ALA B 113 -30.00 -16.85 29.03
C ALA B 113 -31.29 -16.41 29.74
N LYS B 114 -31.68 -17.18 30.76
CA LYS B 114 -32.94 -16.95 31.52
C LYS B 114 -33.26 -15.46 31.67
N ILE B 115 -34.19 -14.97 30.84
CA ILE B 115 -34.62 -13.55 30.80
C ILE B 115 -34.37 -12.79 32.11
N ASN B 116 -33.31 -11.97 32.09
CA ASN B 116 -32.86 -11.16 33.24
C ASN B 116 -33.95 -10.40 34.02
N ASP B 117 -34.08 -10.72 35.30
CA ASP B 117 -35.12 -10.15 36.16
C ASP B 117 -35.26 -8.66 36.02
N GLU B 118 -34.20 -7.92 36.34
CA GLU B 118 -34.24 -6.45 36.26
C GLU B 118 -34.82 -5.91 34.92
N ILE B 119 -34.33 -6.43 33.79
CA ILE B 119 -34.77 -5.96 32.47
C ILE B 119 -36.26 -6.18 32.25
N ASP B 120 -36.74 -7.35 32.64
CA ASP B 120 -38.15 -7.64 32.47
C ASP B 120 -39.06 -6.79 33.35
N LYS B 121 -38.62 -6.60 34.58
CA LYS B 121 -39.33 -5.74 35.48
C LYS B 121 -39.47 -4.39 34.80
N LEU B 122 -38.34 -3.83 34.35
CA LEU B 122 -38.40 -2.52 33.72
C LEU B 122 -39.30 -2.47 32.47
N ARG B 123 -39.39 -3.56 31.70
CA ARG B 123 -40.31 -3.48 30.57
C ARG B 123 -41.72 -3.41 31.14
N HIS B 124 -41.98 -4.12 32.25
CA HIS B 124 -43.33 -4.07 32.78
C HIS B 124 -43.78 -2.68 33.27
N SER B 125 -42.96 -1.95 34.03
CA SER B 125 -43.43 -0.59 34.38
C SER B 125 -43.52 0.28 33.17
N ALA B 126 -42.67 0.04 32.19
CA ALA B 126 -42.71 0.89 31.01
C ALA B 126 -44.11 0.80 30.43
N THR B 127 -44.54 -0.42 30.15
CA THR B 127 -45.84 -0.63 29.55
C THR B 127 -47.00 -0.34 30.51
N SER B 128 -46.96 -0.77 31.77
CA SER B 128 -48.07 -0.44 32.68
C SER B 128 -48.18 1.09 32.91
N ALA B 129 -47.02 1.73 33.10
CA ALA B 129 -46.98 3.18 33.26
C ALA B 129 -47.68 3.85 32.11
N LEU B 130 -47.53 3.36 30.88
CA LEU B 130 -48.22 4.01 29.76
C LEU B 130 -49.76 3.92 29.82
N PHE B 131 -50.33 3.00 30.56
CA PHE B 131 -51.80 2.97 30.59
C PHE B 131 -52.32 3.61 31.83
N GLU B 132 -51.37 4.03 32.66
CA GLU B 132 -51.73 4.58 33.93
C GLU B 132 -51.69 6.11 34.02
N ARG B 133 -50.85 6.74 33.20
CA ARG B 133 -50.75 8.19 33.23
C ARG B 133 -50.29 8.80 31.92
N ARG B 134 -50.32 10.11 31.89
CA ARG B 134 -49.84 10.86 30.74
C ARG B 134 -48.35 11.19 30.85
N ASP B 135 -47.86 11.43 32.07
CA ASP B 135 -46.50 11.97 32.24
C ASP B 135 -45.40 10.93 32.27
N VAL B 136 -45.11 10.36 31.11
CA VAL B 136 -44.12 9.33 31.05
C VAL B 136 -43.13 9.45 29.90
N ILE B 137 -41.88 9.10 30.24
CA ILE B 137 -40.83 9.06 29.28
C ILE B 137 -40.20 7.68 29.29
N ILE B 138 -40.19 7.04 28.15
CA ILE B 138 -39.55 5.76 28.04
C ILE B 138 -38.28 5.92 27.26
N VAL B 139 -37.15 5.63 27.88
CA VAL B 139 -35.90 5.63 27.15
C VAL B 139 -35.78 4.22 26.58
N ALA B 140 -35.68 4.05 25.27
CA ALA B 140 -35.62 2.66 24.73
C ALA B 140 -34.52 2.45 23.74
N SER B 141 -34.28 1.18 23.45
CA SER B 141 -33.31 0.86 22.46
C SER B 141 -34.14 0.61 21.19
N VAL B 142 -33.49 0.27 20.09
CA VAL B 142 -34.24 -0.03 18.86
C VAL B 142 -35.24 -1.19 19.02
N SER B 143 -35.20 -1.85 20.18
CA SER B 143 -36.19 -2.90 20.44
C SER B 143 -37.61 -2.31 20.63
N CYS B 144 -37.77 -0.99 20.72
CA CYS B 144 -39.12 -0.47 20.86
C CYS B 144 -39.89 -0.76 19.57
N ILE B 145 -39.24 -1.36 18.61
CA ILE B 145 -39.94 -1.71 17.39
C ILE B 145 -40.03 -3.24 17.19
N TYR B 146 -39.64 -4.04 18.19
CA TYR B 146 -39.85 -5.49 18.06
C TYR B 146 -41.30 -5.81 18.37
N GLY B 147 -41.70 -7.00 17.94
CA GLY B 147 -43.05 -7.49 18.12
C GLY B 147 -43.38 -7.61 19.56
N LEU B 148 -44.56 -7.11 19.87
CA LEU B 148 -45.13 -7.16 21.21
C LEU B 148 -46.60 -7.66 21.11
N GLY B 149 -47.16 -8.19 22.19
CA GLY B 149 -48.56 -8.61 22.15
C GLY B 149 -49.40 -7.34 22.04
N SER B 150 -50.58 -7.51 21.50
CA SER B 150 -51.45 -6.37 21.31
C SER B 150 -51.64 -5.58 22.59
N PRO B 151 -51.55 -4.25 22.53
CA PRO B 151 -51.86 -3.41 23.71
C PRO B 151 -53.36 -3.40 24.11
N GLU B 152 -54.30 -3.64 23.17
CA GLU B 152 -55.74 -3.73 23.53
C GLU B 152 -55.92 -4.93 24.46
N GLU B 153 -55.39 -6.08 24.04
CA GLU B 153 -55.38 -7.26 24.85
C GLU B 153 -54.69 -7.06 26.21
N TYR B 154 -53.58 -6.32 26.27
CA TYR B 154 -52.83 -6.12 27.53
C TYR B 154 -53.67 -5.41 28.57
N ARG B 155 -54.32 -4.32 28.12
CA ARG B 155 -55.16 -3.42 28.90
C ARG B 155 -56.50 -4.04 29.26
N GLU B 156 -57.19 -4.61 28.27
CA GLU B 156 -58.47 -5.24 28.53
C GLU B 156 -58.34 -6.37 29.52
N LEU B 157 -57.17 -7.00 29.59
CA LEU B 157 -57.04 -8.10 30.53
C LEU B 157 -56.70 -7.64 31.92
N VAL B 158 -56.54 -6.35 32.13
CA VAL B 158 -56.21 -5.83 33.45
C VAL B 158 -57.19 -6.27 34.54
N VAL B 159 -56.65 -6.69 35.68
CA VAL B 159 -57.48 -7.00 36.84
C VAL B 159 -57.51 -5.76 37.69
N SER B 160 -58.62 -5.03 37.64
CA SER B 160 -58.71 -3.79 38.41
C SER B 160 -59.60 -3.88 39.67
N LEU B 161 -58.91 -3.78 40.81
CA LEU B 161 -59.50 -3.87 42.15
C LEU B 161 -59.86 -2.50 42.76
N ARG B 162 -61.03 -2.45 43.38
CA ARG B 162 -61.55 -1.24 44.02
C ARG B 162 -62.01 -1.55 45.46
N VAL B 163 -61.90 -0.56 46.36
CA VAL B 163 -62.36 -0.74 47.74
C VAL B 163 -63.87 -1.04 47.77
N GLY B 164 -64.24 -2.19 48.33
CA GLY B 164 -65.65 -2.58 48.42
C GLY B 164 -66.21 -3.34 47.23
N MET B 165 -65.32 -3.80 46.35
CA MET B 165 -65.76 -4.51 45.19
C MET B 165 -66.29 -5.89 45.55
N GLU B 166 -67.42 -6.22 44.94
CA GLU B 166 -68.02 -7.53 45.09
C GLU B 166 -67.12 -8.45 44.27
N ILE B 167 -66.35 -9.29 44.97
CA ILE B 167 -65.44 -10.29 44.39
C ILE B 167 -65.06 -11.29 45.48
N GLU B 168 -65.02 -12.56 45.14
CA GLU B 168 -64.62 -13.54 46.14
C GLU B 168 -63.17 -13.98 45.97
N ARG B 169 -62.46 -14.10 47.09
CA ARG B 169 -61.03 -14.47 47.13
C ARG B 169 -60.57 -15.49 46.06
N ASN B 170 -61.38 -16.51 45.80
CA ASN B 170 -60.99 -17.53 44.81
C ASN B 170 -61.13 -17.13 43.34
N ALA B 171 -61.98 -16.12 43.11
CA ALA B 171 -62.25 -15.56 41.77
C ALA B 171 -61.09 -14.64 41.36
N LEU B 172 -60.54 -13.95 42.35
CA LEU B 172 -59.39 -13.09 42.17
C LEU B 172 -58.17 -13.97 41.94
N LEU B 173 -58.07 -15.05 42.71
CA LEU B 173 -56.99 -16.00 42.57
C LEU B 173 -56.88 -16.59 41.15
N ARG B 174 -58.02 -16.90 40.54
CA ARG B 174 -58.11 -17.50 39.21
C ARG B 174 -57.79 -16.44 38.11
N ARG B 175 -58.33 -15.23 38.28
CA ARG B 175 -58.07 -14.11 37.38
C ARG B 175 -56.57 -13.76 37.31
N LEU B 176 -55.88 -13.97 38.43
CA LEU B 176 -54.45 -13.69 38.48
C LEU B 176 -53.68 -14.71 37.65
N VAL B 177 -53.97 -15.99 37.87
CA VAL B 177 -53.30 -17.08 37.17
C VAL B 177 -53.48 -16.94 35.65
N ASP B 178 -54.66 -16.43 35.26
CA ASP B 178 -55.06 -16.24 33.86
C ASP B 178 -54.29 -15.16 33.15
N ILE B 179 -53.70 -14.29 33.95
CA ILE B 179 -53.00 -13.13 33.52
C ILE B 179 -51.56 -13.40 33.85
N GLN B 180 -51.32 -14.67 34.16
CA GLN B 180 -50.00 -15.27 34.40
C GLN B 180 -49.17 -14.99 35.64
N TYR B 181 -49.82 -14.75 36.77
CA TYR B 181 -49.11 -14.71 38.04
C TYR B 181 -49.12 -16.15 38.59
N ASP B 182 -48.09 -16.47 39.34
CA ASP B 182 -47.93 -17.78 39.95
C ASP B 182 -48.10 -17.66 41.44
N ARG B 183 -48.72 -18.66 42.06
CA ARG B 183 -48.82 -18.66 43.53
C ARG B 183 -47.52 -19.21 44.10
N ASN B 184 -46.90 -18.39 44.93
CA ASN B 184 -45.69 -18.81 45.61
C ASN B 184 -45.71 -18.26 47.01
N ASP B 185 -46.31 -19.06 47.88
CA ASP B 185 -46.45 -18.78 49.31
C ASP B 185 -45.08 -18.95 49.94
N ILE B 186 -44.31 -19.91 49.44
CA ILE B 186 -42.92 -20.19 49.86
C ILE B 186 -41.98 -19.00 49.51
N ASP B 187 -41.34 -19.01 48.34
CA ASP B 187 -40.40 -17.93 47.93
C ASP B 187 -41.02 -16.82 47.04
N PHE B 188 -41.62 -15.85 47.72
CA PHE B 188 -42.38 -14.74 47.14
C PHE B 188 -41.54 -13.63 46.52
N ARG B 189 -41.60 -13.54 45.19
CA ARG B 189 -40.89 -12.52 44.42
C ARG B 189 -41.76 -12.08 43.24
N ARG B 190 -41.32 -11.04 42.54
CA ARG B 190 -42.00 -10.44 41.38
C ARG B 190 -42.76 -11.43 40.48
N GLY B 191 -44.02 -11.09 40.16
CA GLY B 191 -44.86 -11.89 39.28
C GLY B 191 -45.55 -13.02 40.03
N THR B 192 -45.52 -12.87 41.35
CA THR B 192 -46.08 -13.84 42.29
C THR B 192 -47.20 -13.28 43.15
N PHE B 193 -48.09 -14.17 43.58
CA PHE B 193 -49.13 -13.81 44.54
C PHE B 193 -49.15 -14.83 45.69
N ARG B 194 -49.26 -14.34 46.93
CA ARG B 194 -49.28 -15.22 48.08
C ARG B 194 -50.58 -15.08 48.84
N VAL B 195 -51.16 -16.24 49.13
CA VAL B 195 -52.45 -16.36 49.79
C VAL B 195 -52.36 -16.81 51.26
N ARG B 196 -52.67 -15.89 52.17
CA ARG B 196 -52.65 -16.21 53.60
C ARG B 196 -54.02 -15.95 54.25
N GLY B 197 -54.85 -17.00 54.32
CA GLY B 197 -56.18 -16.83 54.87
C GLY B 197 -56.97 -15.81 54.05
N ASP B 198 -57.52 -14.78 54.71
CA ASP B 198 -58.35 -13.75 54.04
C ASP B 198 -57.55 -12.57 53.47
N VAL B 199 -56.26 -12.58 53.73
CA VAL B 199 -55.36 -11.57 53.17
C VAL B 199 -54.72 -12.16 51.88
N VAL B 200 -54.62 -11.35 50.82
CA VAL B 200 -53.95 -11.78 49.57
C VAL B 200 -52.84 -10.80 49.23
N GLU B 201 -51.72 -11.34 48.80
CA GLU B 201 -50.58 -10.51 48.41
C GLU B 201 -50.14 -10.67 46.96
N ILE B 202 -50.27 -9.59 46.19
CA ILE B 202 -49.91 -9.57 44.79
C ILE B 202 -48.63 -8.74 44.58
N PHE B 203 -47.65 -9.34 43.89
CA PHE B 203 -46.36 -8.71 43.59
C PHE B 203 -46.35 -8.36 42.10
N PRO B 204 -46.76 -7.16 41.74
CA PRO B 204 -46.85 -6.79 40.31
C PRO B 204 -45.61 -7.07 39.47
N ALA B 205 -45.85 -7.46 38.23
CA ALA B 205 -44.78 -7.74 37.27
C ALA B 205 -43.93 -6.47 37.10
N SER B 206 -44.51 -5.32 37.46
CA SER B 206 -43.78 -4.06 37.36
C SER B 206 -42.94 -3.76 38.59
N ARG B 207 -43.00 -4.57 39.64
CA ARG B 207 -42.37 -4.18 40.90
C ARG B 207 -41.19 -4.94 41.49
N ASP B 208 -40.38 -4.18 42.23
CA ASP B 208 -39.15 -4.65 42.84
C ASP B 208 -39.37 -4.92 44.31
N GLU B 209 -39.81 -3.87 45.00
CA GLU B 209 -39.96 -3.93 46.44
C GLU B 209 -41.39 -3.83 46.95
N HIS B 210 -42.10 -2.79 46.51
CA HIS B 210 -43.48 -2.50 46.97
C HIS B 210 -44.59 -3.37 46.35
N CYS B 211 -45.11 -4.32 47.12
CA CYS B 211 -46.19 -5.21 46.67
C CYS B 211 -47.56 -4.73 47.14
N ILE B 212 -48.62 -5.33 46.61
CA ILE B 212 -49.96 -4.91 46.98
C ILE B 212 -50.56 -5.94 47.92
N ARG B 213 -51.33 -5.47 48.90
CA ARG B 213 -51.97 -6.35 49.87
C ARG B 213 -53.45 -6.10 49.82
N VAL B 214 -54.22 -7.14 49.58
CA VAL B 214 -55.66 -7.01 49.47
C VAL B 214 -56.31 -7.79 50.60
N GLU B 215 -57.31 -7.18 51.25
CA GLU B 215 -57.99 -7.80 52.39
C GLU B 215 -59.47 -8.01 52.17
N PHE B 216 -59.93 -9.23 52.43
CA PHE B 216 -61.33 -9.57 52.25
C PHE B 216 -62.11 -9.71 53.59
N PHE B 217 -63.37 -9.31 53.56
CA PHE B 217 -64.32 -9.48 54.67
C PHE B 217 -65.52 -10.22 54.05
N GLY B 218 -65.47 -11.55 54.09
CA GLY B 218 -66.48 -12.37 53.46
C GLY B 218 -66.18 -12.32 51.97
N ASP B 219 -67.14 -11.80 51.20
CA ASP B 219 -66.97 -11.73 49.75
C ASP B 219 -66.84 -10.32 49.17
N GLU B 220 -66.14 -9.45 49.88
CA GLU B 220 -65.88 -8.10 49.36
C GLU B 220 -64.47 -7.59 49.71
N ILE B 221 -64.02 -6.54 49.03
CA ILE B 221 -62.70 -5.97 49.29
C ILE B 221 -62.81 -4.95 50.41
N GLU B 222 -62.19 -5.27 51.53
CA GLU B 222 -62.17 -4.34 52.66
C GLU B 222 -61.04 -3.33 52.48
N ARG B 223 -59.79 -3.79 52.46
CA ARG B 223 -58.66 -2.86 52.36
C ARG B 223 -57.58 -3.19 51.34
N ILE B 224 -57.04 -2.16 50.69
CA ILE B 224 -55.93 -2.30 49.76
C ILE B 224 -54.80 -1.28 50.06
N ARG B 225 -53.64 -1.80 50.46
CA ARG B 225 -52.48 -0.97 50.78
C ARG B 225 -51.16 -1.49 50.18
N GLU B 226 -50.17 -0.58 50.07
CA GLU B 226 -48.83 -0.89 49.57
C GLU B 226 -47.92 -1.32 50.75
N VAL B 227 -47.22 -2.45 50.57
CA VAL B 227 -46.40 -3.05 51.63
C VAL B 227 -44.96 -3.34 51.17
N ASP B 228 -44.04 -3.45 52.11
CA ASP B 228 -42.67 -3.88 51.79
C ASP B 228 -42.72 -5.42 51.81
N ALA B 229 -42.40 -6.05 50.67
CA ALA B 229 -42.46 -7.52 50.57
C ALA B 229 -41.69 -8.30 51.63
N LEU B 230 -40.68 -7.67 52.22
CA LEU B 230 -39.85 -8.32 53.23
C LEU B 230 -40.40 -8.04 54.63
N THR B 231 -40.42 -6.76 55.00
CA THR B 231 -40.90 -6.31 56.32
C THR B 231 -42.36 -6.66 56.58
N GLY B 232 -43.24 -5.86 55.99
CA GLY B 232 -44.67 -5.94 56.17
C GLY B 232 -45.05 -4.51 56.47
N GLU B 233 -44.08 -3.62 56.23
CA GLU B 233 -44.22 -2.19 56.45
C GLU B 233 -45.30 -1.56 55.59
N VAL B 234 -46.41 -1.15 56.22
CA VAL B 234 -47.50 -0.46 55.52
C VAL B 234 -46.98 0.88 54.97
N LEU B 235 -46.92 1.00 53.63
CA LEU B 235 -46.40 2.21 52.96
C LEU B 235 -47.47 3.20 52.43
N GLY B 236 -48.74 2.78 52.46
CA GLY B 236 -49.84 3.61 51.99
C GLY B 236 -51.15 2.86 51.85
N GLU B 237 -52.21 3.60 51.51
CA GLU B 237 -53.54 3.04 51.33
C GLU B 237 -54.02 3.41 49.93
N ARG B 238 -54.76 2.52 49.29
CA ARG B 238 -55.30 2.87 47.99
C ARG B 238 -56.75 2.48 47.79
N GLU B 239 -57.43 3.37 47.06
CA GLU B 239 -58.82 3.21 46.67
C GLU B 239 -58.85 2.17 45.55
N HIS B 240 -58.13 2.45 44.46
CA HIS B 240 -58.12 1.57 43.31
C HIS B 240 -56.72 1.19 42.89
N VAL B 241 -56.56 -0.10 42.61
CA VAL B 241 -55.28 -0.62 42.14
C VAL B 241 -55.52 -1.50 40.92
N ALA B 242 -54.71 -1.27 39.89
CA ALA B 242 -54.75 -2.00 38.62
C ALA B 242 -53.57 -2.97 38.52
N ILE B 243 -53.85 -4.24 38.26
CA ILE B 243 -52.78 -5.20 38.05
C ILE B 243 -52.72 -5.54 36.57
N PHE B 244 -51.54 -5.38 35.96
CA PHE B 244 -51.36 -5.76 34.57
C PHE B 244 -50.84 -7.18 34.46
N PRO B 245 -51.15 -7.81 33.33
CA PRO B 245 -50.71 -9.17 33.06
C PRO B 245 -49.21 -9.29 33.22
N ALA B 246 -48.73 -10.46 33.61
CA ALA B 246 -47.32 -10.69 33.83
C ALA B 246 -46.56 -11.03 32.54
N SER B 247 -47.22 -10.87 31.41
CA SER B 247 -46.54 -11.15 30.14
C SER B 247 -47.11 -10.24 29.05
N HIS B 248 -46.27 -9.89 28.07
CA HIS B 248 -46.83 -9.04 27.03
C HIS B 248 -47.51 -9.89 25.96
N PHE B 249 -47.69 -11.19 26.19
CA PHE B 249 -48.37 -12.06 25.22
C PHE B 249 -49.57 -12.90 25.74
N VAL B 250 -50.15 -12.54 26.90
CA VAL B 250 -51.34 -13.23 27.42
C VAL B 250 -52.49 -13.12 26.42
N THR B 251 -53.25 -14.19 26.22
CA THR B 251 -54.36 -14.16 25.29
C THR B 251 -55.52 -14.77 25.99
N ARG B 252 -56.71 -14.16 25.90
CA ARG B 252 -57.92 -14.72 26.54
C ARG B 252 -58.17 -16.11 26.03
N GLU B 253 -58.63 -16.96 26.92
CA GLU B 253 -58.96 -18.31 26.57
C GLU B 253 -59.69 -18.46 25.23
N GLU B 254 -60.78 -17.73 25.00
CA GLU B 254 -61.55 -17.93 23.76
C GLU B 254 -60.75 -17.68 22.51
N LYS B 255 -59.88 -16.68 22.53
CA LYS B 255 -59.08 -16.42 21.34
C LYS B 255 -58.06 -17.56 21.16
N MET B 256 -57.55 -18.02 22.31
CA MET B 256 -56.57 -19.05 22.36
C MET B 256 -57.13 -20.29 21.76
N ARG B 257 -58.38 -20.63 22.09
CA ARG B 257 -58.91 -21.87 21.50
C ARG B 257 -59.07 -21.67 20.01
N LEU B 258 -59.20 -20.45 19.52
CA LEU B 258 -59.33 -20.38 18.08
C LEU B 258 -57.92 -20.41 17.45
N ALA B 259 -56.98 -19.60 17.93
CA ALA B 259 -55.60 -19.61 17.46
C ALA B 259 -55.06 -21.05 17.35
N ILE B 260 -55.28 -21.84 18.41
CA ILE B 260 -54.80 -23.18 18.45
C ILE B 260 -55.24 -23.92 17.22
N GLN B 261 -56.46 -23.78 16.75
CA GLN B 261 -56.82 -24.53 15.54
C GLN B 261 -56.06 -23.99 14.32
N ASN B 262 -55.87 -22.68 14.25
CA ASN B 262 -55.09 -22.16 13.10
C ASN B 262 -53.64 -22.69 13.03
N ILE B 263 -52.96 -22.66 14.16
CA ILE B 263 -51.57 -23.11 14.27
C ILE B 263 -51.56 -24.55 13.81
N GLU B 264 -52.54 -25.28 14.30
CA GLU B 264 -52.70 -26.68 13.93
C GLU B 264 -52.88 -26.85 12.44
N GLN B 265 -53.70 -26.03 11.79
CA GLN B 265 -53.79 -26.17 10.35
C GLN B 265 -52.44 -25.72 9.70
N GLU B 266 -51.81 -24.64 10.17
CA GLU B 266 -50.54 -24.29 9.55
C GLU B 266 -49.54 -25.45 9.71
N LEU B 267 -49.49 -26.09 10.88
CA LEU B 267 -48.57 -27.16 11.15
C LEU B 267 -48.76 -28.34 10.20
N GLU B 268 -50.00 -28.72 9.97
CA GLU B 268 -50.24 -29.80 9.05
C GLU B 268 -49.86 -29.38 7.61
N GLU B 269 -50.19 -28.15 7.16
CA GLU B 269 -49.83 -27.90 5.77
C GLU B 269 -48.32 -27.90 5.61
N ARG B 270 -47.60 -27.40 6.61
CA ARG B 270 -46.15 -27.26 6.46
C ARG B 270 -45.38 -28.60 6.58
N LEU B 271 -45.93 -29.53 7.36
CA LEU B 271 -45.34 -30.81 7.47
C LEU B 271 -45.51 -31.56 6.09
N ALA B 272 -46.71 -31.47 5.47
CA ALA B 272 -46.92 -32.07 4.14
C ALA B 272 -45.96 -31.49 3.10
N GLU B 273 -45.76 -30.17 3.12
CA GLU B 273 -44.81 -29.50 2.21
C GLU B 273 -43.33 -30.03 2.39
N LEU B 274 -42.79 -29.99 3.62
CA LEU B 274 -41.44 -30.49 3.94
C LEU B 274 -41.22 -31.96 3.50
N ARG B 275 -42.21 -32.81 3.80
CA ARG B 275 -42.13 -34.21 3.45
C ARG B 275 -42.13 -34.39 1.92
N ALA B 276 -42.94 -33.61 1.19
CA ALA B 276 -42.96 -33.69 -0.29
C ALA B 276 -41.57 -33.28 -0.86
N GLN B 277 -40.81 -32.51 -0.11
CA GLN B 277 -39.48 -32.20 -0.55
C GLN B 277 -38.45 -33.23 -0.01
N GLY B 278 -38.94 -34.27 0.67
CA GLY B 278 -38.02 -35.24 1.27
C GLY B 278 -37.23 -34.69 2.48
N LYS B 279 -37.72 -33.61 3.08
CA LYS B 279 -37.09 -33.02 4.24
C LYS B 279 -37.76 -33.61 5.50
N LEU B 280 -37.66 -34.95 5.64
CA LEU B 280 -38.26 -35.74 6.73
C LEU B 280 -37.68 -35.50 8.11
N LEU B 281 -36.34 -35.40 8.23
CA LEU B 281 -35.70 -35.07 9.51
C LEU B 281 -36.26 -33.71 10.02
N GLU B 282 -36.36 -32.73 9.12
CA GLU B 282 -36.91 -31.40 9.39
C GLU B 282 -38.43 -31.41 9.78
N ALA B 283 -39.26 -32.24 9.13
CA ALA B 283 -40.68 -32.28 9.48
C ALA B 283 -40.80 -32.79 10.92
N GLN B 284 -40.08 -33.86 11.26
CA GLN B 284 -40.09 -34.45 12.60
C GLN B 284 -39.66 -33.46 13.68
N ARG B 285 -38.65 -32.65 13.38
CA ARG B 285 -38.20 -31.66 14.29
C ARG B 285 -39.36 -30.65 14.49
N LEU B 286 -39.95 -30.15 13.40
CA LEU B 286 -41.06 -29.22 13.46
C LEU B 286 -42.21 -29.79 14.26
N GLU B 287 -42.63 -30.96 13.85
CA GLU B 287 -43.72 -31.61 14.49
C GLU B 287 -43.47 -31.78 15.97
N GLN B 288 -42.29 -32.22 16.40
CA GLN B 288 -42.04 -32.41 17.85
C GLN B 288 -42.08 -31.11 18.64
N ARG B 289 -41.41 -30.07 18.18
CA ARG B 289 -41.43 -28.80 18.89
C ARG B 289 -42.85 -28.19 18.90
N THR B 290 -43.55 -28.24 17.76
CA THR B 290 -44.88 -27.65 17.72
C THR B 290 -45.95 -28.39 18.60
N ARG B 291 -46.04 -29.71 18.45
CA ARG B 291 -47.04 -30.42 19.18
C ARG B 291 -46.74 -30.15 20.65
N TYR B 292 -45.46 -30.10 20.99
CA TYR B 292 -45.06 -29.84 22.35
C TYR B 292 -45.61 -28.48 22.84
N ASP B 293 -45.41 -27.43 22.03
CA ASP B 293 -45.94 -26.10 22.36
C ASP B 293 -47.49 -26.13 22.43
N LEU B 294 -48.14 -26.73 21.42
CA LEU B 294 -49.61 -26.86 21.40
C LEU B 294 -50.14 -27.51 22.67
N GLU B 295 -49.40 -28.49 23.16
CA GLU B 295 -49.82 -29.21 24.36
C GLU B 295 -49.66 -28.25 25.55
N MET B 296 -48.60 -27.43 25.57
CA MET B 296 -48.47 -26.47 26.67
C MET B 296 -49.60 -25.46 26.67
N MET B 297 -49.98 -25.02 25.47
CA MET B 297 -51.04 -24.07 25.30
C MET B 297 -52.39 -24.64 25.74
N ARG B 298 -52.69 -25.88 25.40
CA ARG B 298 -53.99 -26.38 25.77
C ARG B 298 -54.12 -26.65 27.26
N GLU B 299 -52.99 -26.95 27.91
CA GLU B 299 -53.02 -27.31 29.34
C GLU B 299 -52.90 -26.13 30.28
N MET B 300 -52.09 -25.15 29.92
CA MET B 300 -51.88 -24.04 30.85
C MET B 300 -51.92 -22.71 30.18
N GLY B 301 -52.54 -22.66 29.02
CA GLY B 301 -52.74 -21.44 28.27
C GLY B 301 -51.58 -20.59 27.81
N PHE B 302 -50.36 -21.14 27.78
CA PHE B 302 -49.17 -20.42 27.28
C PHE B 302 -48.03 -21.43 27.17
N CYS B 303 -46.95 -21.05 26.51
CA CYS B 303 -45.79 -21.90 26.39
C CYS B 303 -44.51 -21.06 26.35
N SER B 304 -43.35 -21.72 26.41
CA SER B 304 -42.08 -21.01 26.31
C SER B 304 -41.85 -20.77 24.83
N GLY B 305 -41.36 -19.59 24.49
CA GLY B 305 -41.13 -19.24 23.10
C GLY B 305 -42.45 -18.83 22.47
N ILE B 306 -43.39 -18.41 23.29
CA ILE B 306 -44.70 -18.01 22.79
C ILE B 306 -44.68 -16.85 21.78
N GLU B 307 -43.70 -15.98 21.82
CA GLU B 307 -43.64 -14.89 20.86
C GLU B 307 -43.71 -15.40 19.44
N ASN B 308 -43.09 -16.54 19.21
CA ASN B 308 -43.10 -17.11 17.87
C ASN B 308 -44.51 -17.25 17.27
N TYR B 309 -45.54 -17.31 18.12
CA TYR B 309 -46.92 -17.53 17.69
C TYR B 309 -47.78 -16.27 17.79
N SER B 310 -47.15 -15.13 18.11
CA SER B 310 -47.91 -13.91 18.30
C SER B 310 -48.87 -13.53 17.18
N ARG B 311 -48.48 -13.75 15.92
CA ARG B 311 -49.44 -13.38 14.88
C ARG B 311 -50.68 -14.24 15.00
N HIS B 312 -50.51 -15.54 15.26
CA HIS B 312 -51.68 -16.41 15.46
C HIS B 312 -52.48 -16.09 16.72
N LEU B 313 -51.83 -15.88 17.84
CA LEU B 313 -52.53 -15.52 19.06
C LEU B 313 -53.34 -14.20 18.94
N ALA B 314 -52.87 -13.28 18.13
CA ALA B 314 -53.59 -12.03 17.88
C ALA B 314 -54.73 -12.25 16.87
N LEU B 315 -54.80 -13.41 16.24
CA LEU B 315 -55.80 -13.70 15.23
C LEU B 315 -55.81 -12.64 14.12
N ARG B 316 -54.66 -12.38 13.49
CA ARG B 316 -54.57 -11.40 12.44
C ARG B 316 -54.14 -12.04 11.14
N PRO B 317 -54.33 -11.38 10.01
CA PRO B 317 -53.91 -11.97 8.72
C PRO B 317 -52.39 -12.18 8.56
N PRO B 318 -51.97 -13.30 7.93
CA PRO B 318 -50.54 -13.54 7.61
C PRO B 318 -49.85 -12.34 7.00
N GLY B 319 -48.65 -12.03 7.50
CA GLY B 319 -47.89 -10.89 7.04
C GLY B 319 -48.36 -9.53 7.57
N SER B 320 -49.33 -9.51 8.48
CA SER B 320 -49.76 -8.26 9.13
C SER B 320 -48.53 -7.64 9.76
N THR B 321 -48.56 -6.32 9.92
CA THR B 321 -47.51 -5.56 10.61
C THR B 321 -47.62 -5.85 12.09
N PRO B 322 -46.54 -6.16 12.81
CA PRO B 322 -46.67 -6.51 14.22
C PRO B 322 -47.06 -5.33 15.10
N TYR B 323 -47.50 -5.61 16.33
CA TYR B 323 -47.72 -4.54 17.32
C TYR B 323 -46.35 -4.36 18.01
N THR B 324 -46.09 -3.18 18.54
CA THR B 324 -44.84 -2.87 19.18
C THR B 324 -45.06 -1.82 20.25
N LEU B 325 -43.99 -1.53 20.99
CA LEU B 325 -44.13 -0.53 22.03
C LEU B 325 -44.83 0.71 21.48
N LEU B 326 -44.49 1.15 20.28
CA LEU B 326 -45.12 2.35 19.76
C LEU B 326 -46.66 2.31 19.79
N ASP B 327 -47.27 1.14 19.60
CA ASP B 327 -48.74 1.03 19.66
C ASP B 327 -49.32 1.23 21.03
N TYR B 328 -48.50 0.95 22.04
CA TYR B 328 -48.86 1.18 23.44
C TYR B 328 -48.94 2.65 23.76
N PHE B 329 -48.47 3.52 22.87
CA PHE B 329 -48.49 4.95 23.14
C PHE B 329 -49.79 5.58 22.65
N PRO B 330 -50.28 6.68 23.27
CA PRO B 330 -51.41 7.42 22.69
C PRO B 330 -51.04 7.86 21.27
N ASP B 331 -52.04 8.07 20.42
CA ASP B 331 -51.85 8.47 19.03
C ASP B 331 -51.02 9.76 18.94
N ASP B 332 -51.13 10.61 19.97
CA ASP B 332 -50.45 11.89 19.96
C ASP B 332 -49.03 11.94 20.62
N PHE B 333 -48.38 10.82 20.81
CA PHE B 333 -47.03 10.81 21.40
C PHE B 333 -45.91 11.53 20.58
N LEU B 334 -44.73 11.65 21.20
CA LEU B 334 -43.55 12.26 20.57
C LEU B 334 -42.40 11.26 20.64
N ILE B 335 -41.59 11.25 19.61
CA ILE B 335 -40.39 10.42 19.65
C ILE B 335 -39.14 11.29 19.56
N ILE B 336 -38.16 11.03 20.39
CA ILE B 336 -36.91 11.69 20.17
C ILE B 336 -35.90 10.62 19.83
N VAL B 337 -35.20 10.80 18.72
CA VAL B 337 -34.14 9.88 18.36
C VAL B 337 -32.77 10.39 18.81
N ASP B 338 -32.22 9.80 19.84
CA ASP B 338 -30.89 10.29 20.19
C ASP B 338 -29.84 9.82 19.15
N GLU B 339 -28.86 10.67 18.79
CA GLU B 339 -27.79 10.35 17.80
C GLU B 339 -28.34 9.80 16.51
N SER B 340 -29.34 10.47 15.96
CA SER B 340 -30.05 9.93 14.81
C SER B 340 -29.21 9.43 13.66
N HIS B 341 -28.03 10.01 13.42
CA HIS B 341 -27.25 9.62 12.23
C HIS B 341 -26.84 8.14 12.31
N VAL B 342 -26.70 7.59 13.52
CA VAL B 342 -26.44 6.15 13.66
C VAL B 342 -27.76 5.37 13.95
N THR B 343 -28.52 5.81 14.96
CA THR B 343 -29.82 5.22 15.32
C THR B 343 -30.79 4.92 14.18
N LEU B 344 -31.10 5.87 13.33
CA LEU B 344 -32.04 5.57 12.24
C LEU B 344 -31.58 4.42 11.36
N PRO B 345 -30.35 4.43 10.81
CA PRO B 345 -29.88 3.27 10.02
C PRO B 345 -29.92 1.99 10.83
N GLN B 346 -29.71 2.02 12.15
CA GLN B 346 -29.69 0.77 12.90
C GLN B 346 -31.14 0.21 12.92
N LEU B 347 -32.07 1.13 13.11
CA LEU B 347 -33.48 0.80 13.10
C LEU B 347 -33.83 0.21 11.72
N ARG B 348 -33.34 0.85 10.64
CA ARG B 348 -33.60 0.48 9.25
C ARG B 348 -33.22 -0.95 8.92
N GLY B 349 -32.10 -1.39 9.51
CA GLY B 349 -31.57 -2.72 9.27
C GLY B 349 -32.07 -3.89 10.12
N MET B 350 -32.98 -3.60 11.06
CA MET B 350 -33.54 -4.57 11.98
C MET B 350 -34.33 -5.72 11.27
N TYR B 351 -35.26 -5.39 10.37
CA TYR B 351 -36.06 -6.32 9.60
C TYR B 351 -35.26 -7.39 8.81
N ASN B 352 -34.43 -6.93 7.86
CA ASN B 352 -33.63 -7.83 7.04
C ASN B 352 -32.79 -8.80 7.88
N GLY B 353 -32.12 -8.28 8.92
CA GLY B 353 -31.29 -9.11 9.76
C GLY B 353 -32.23 -10.15 10.35
N ASP B 354 -33.35 -9.68 10.90
CA ASP B 354 -34.33 -10.57 11.50
C ASP B 354 -34.92 -11.58 10.49
N ARG B 355 -35.45 -11.12 9.37
CA ARG B 355 -35.98 -12.08 8.40
C ARG B 355 -34.96 -13.15 7.98
N ALA B 356 -33.75 -12.73 7.61
CA ALA B 356 -32.75 -13.68 7.21
C ALA B 356 -32.34 -14.66 8.34
N ARG B 357 -32.40 -14.24 9.61
CA ARG B 357 -32.04 -15.16 10.69
C ARG B 357 -33.15 -16.18 10.92
N LYS B 358 -34.41 -15.75 10.74
CA LYS B 358 -35.56 -16.62 10.99
C LYS B 358 -35.79 -17.64 9.88
N GLN B 359 -35.50 -17.25 8.64
CA GLN B 359 -35.71 -18.17 7.53
C GLN B 359 -34.92 -19.43 7.59
N VAL B 360 -33.73 -19.32 8.19
CA VAL B 360 -32.89 -20.49 8.38
C VAL B 360 -33.66 -21.40 9.29
N LEU B 361 -34.24 -20.80 10.33
CA LEU B 361 -35.02 -21.57 11.30
C LEU B 361 -36.23 -22.30 10.67
N VAL B 362 -36.99 -21.56 9.83
CA VAL B 362 -38.15 -22.10 9.07
C VAL B 362 -37.69 -23.17 8.06
N ASP B 363 -36.67 -22.82 7.26
CA ASP B 363 -36.16 -23.72 6.23
C ASP B 363 -35.70 -25.05 6.77
N HIS B 364 -35.17 -25.08 8.00
CA HIS B 364 -34.75 -26.37 8.61
C HIS B 364 -35.68 -27.04 9.63
N GLY B 365 -36.86 -26.48 9.83
CA GLY B 365 -37.91 -27.14 10.62
C GLY B 365 -38.00 -26.82 12.09
N PHE B 366 -37.40 -25.70 12.50
CA PHE B 366 -37.38 -25.30 13.87
C PHE B 366 -38.55 -24.44 14.19
N ARG B 367 -39.00 -23.66 13.20
CA ARG B 367 -40.13 -22.76 13.37
C ARG B 367 -41.05 -22.91 12.17
N LEU B 368 -42.29 -22.49 12.37
CA LEU B 368 -43.29 -22.44 11.31
C LEU B 368 -43.11 -21.14 10.55
N PRO B 369 -43.53 -21.15 9.30
CA PRO B 369 -43.52 -19.91 8.50
C PRO B 369 -44.18 -18.75 9.23
N SER B 370 -45.28 -19.02 9.95
CA SER B 370 -45.93 -17.94 10.72
C SER B 370 -44.98 -17.20 11.69
N ALA B 371 -43.89 -17.84 12.08
CA ALA B 371 -42.93 -17.23 13.00
C ALA B 371 -42.19 -16.02 12.37
N LEU B 372 -42.24 -15.87 11.05
CA LEU B 372 -41.68 -14.68 10.41
C LEU B 372 -42.55 -13.46 10.73
N ASP B 373 -43.73 -13.64 11.32
CA ASP B 373 -44.59 -12.46 11.59
C ASP B 373 -44.34 -11.88 12.98
N ASN B 374 -43.46 -12.54 13.73
CA ASN B 374 -43.05 -12.04 14.99
C ASN B 374 -41.68 -11.40 14.73
N ARG B 375 -41.71 -10.08 14.49
CA ARG B 375 -40.54 -9.43 13.97
C ARG B 375 -40.58 -7.92 14.20
N PRO B 376 -39.47 -7.25 13.89
CA PRO B 376 -39.38 -5.81 13.97
C PRO B 376 -40.10 -5.22 12.79
N LEU B 377 -40.51 -3.98 12.93
CA LEU B 377 -41.11 -3.21 11.87
C LEU B 377 -40.04 -2.96 10.82
N THR B 378 -40.48 -2.76 9.58
CA THR B 378 -39.60 -2.29 8.53
C THR B 378 -39.56 -0.77 8.77
N PHE B 379 -38.57 -0.12 8.20
CA PHE B 379 -38.55 1.32 8.31
C PHE B 379 -39.82 2.03 7.84
N GLU B 380 -40.35 1.61 6.69
CA GLU B 380 -41.60 2.17 6.17
C GLU B 380 -42.72 2.03 7.21
N GLU B 381 -42.82 0.82 7.78
CA GLU B 381 -43.84 0.58 8.82
C GLU B 381 -43.56 1.56 9.99
N PHE B 382 -42.31 1.61 10.44
CA PHE B 382 -41.95 2.55 11.50
C PHE B 382 -42.35 3.99 11.12
N GLU B 383 -42.12 4.38 9.87
CA GLU B 383 -42.55 5.72 9.44
C GLU B 383 -44.05 5.93 9.61
N GLN B 384 -44.84 4.90 9.23
CA GLN B 384 -46.31 5.01 9.35
C GLN B 384 -46.77 5.13 10.79
N LYS B 385 -45.95 4.65 11.73
CA LYS B 385 -46.31 4.73 13.13
C LYS B 385 -45.96 6.07 13.77
N ILE B 386 -45.07 6.84 13.16
CA ILE B 386 -44.66 8.11 13.76
C ILE B 386 -45.80 9.11 13.82
N ASN B 387 -45.97 9.77 14.97
CA ASN B 387 -46.89 10.89 15.03
C ASN B 387 -46.01 12.13 14.87
N GLN B 388 -45.24 12.49 15.90
CA GLN B 388 -44.26 13.60 15.77
C GLN B 388 -42.88 13.11 16.21
N ILE B 389 -41.82 13.58 15.54
CA ILE B 389 -40.49 13.06 15.83
C ILE B 389 -39.48 14.17 15.77
N ILE B 390 -38.48 14.08 16.65
CA ILE B 390 -37.38 15.03 16.64
C ILE B 390 -36.07 14.28 16.70
N TYR B 391 -35.24 14.50 15.67
CA TYR B 391 -33.95 13.86 15.56
C TYR B 391 -32.87 14.67 16.24
N VAL B 392 -32.03 14.04 17.04
CA VAL B 392 -31.00 14.83 17.73
C VAL B 392 -29.61 14.43 17.30
N SER B 393 -28.81 15.34 16.77
CA SER B 393 -27.46 14.96 16.37
C SER B 393 -26.60 16.16 15.93
N ALA B 394 -25.31 16.05 16.16
CA ALA B 394 -24.41 17.11 15.73
C ALA B 394 -24.14 16.95 14.24
N THR B 395 -24.56 15.82 13.68
CA THR B 395 -24.37 15.55 12.25
C THR B 395 -25.51 14.72 11.67
N PRO B 396 -26.69 15.31 11.51
CA PRO B 396 -27.87 14.60 10.98
C PRO B 396 -27.58 13.81 9.71
N GLY B 397 -28.22 12.66 9.50
CA GLY B 397 -28.08 11.91 8.26
C GLY B 397 -29.00 12.39 7.13
N PRO B 398 -28.82 11.81 5.94
CA PRO B 398 -29.61 12.26 4.78
C PRO B 398 -31.13 12.14 5.05
N TYR B 399 -31.55 11.12 5.79
CA TYR B 399 -33.00 10.97 6.07
C TYR B 399 -33.59 12.11 6.91
N GLU B 400 -32.93 12.44 8.03
CA GLU B 400 -33.37 13.55 8.86
C GLU B 400 -33.40 14.84 8.02
N LEU B 401 -32.36 15.09 7.22
CA LEU B 401 -32.33 16.40 6.49
C LEU B 401 -33.38 16.49 5.42
N GLU B 402 -33.67 15.38 4.75
CA GLU B 402 -34.69 15.39 3.75
C GLU B 402 -36.10 15.67 4.24
N HIS B 403 -36.48 15.12 5.39
CA HIS B 403 -37.84 15.28 5.86
C HIS B 403 -38.09 16.44 6.79
N SER B 404 -37.05 17.14 7.22
CA SER B 404 -37.18 18.25 8.14
C SER B 404 -37.06 19.59 7.45
N PRO B 405 -37.86 20.57 7.85
CA PRO B 405 -37.79 21.91 7.25
C PRO B 405 -36.60 22.60 7.86
N GLY B 406 -35.41 22.49 7.27
CA GLY B 406 -34.22 23.06 7.86
C GLY B 406 -33.88 22.37 9.16
N VAL B 407 -33.11 23.02 10.02
CA VAL B 407 -32.68 22.45 11.31
C VAL B 407 -32.70 23.49 12.42
N VAL B 408 -32.93 23.04 13.63
CA VAL B 408 -32.86 23.94 14.75
C VAL B 408 -31.40 23.85 15.25
N GLU B 409 -30.73 24.98 15.37
CA GLU B 409 -29.35 25.01 15.81
C GLU B 409 -29.22 25.36 17.23
N GLN B 410 -28.38 24.58 17.90
CA GLN B 410 -28.00 24.81 19.26
C GLN B 410 -26.49 24.54 19.23
N ILE B 411 -25.74 25.61 19.21
CA ILE B 411 -24.31 25.52 19.01
C ILE B 411 -23.46 26.19 20.10
N ILE B 412 -24.06 26.88 21.06
CA ILE B 412 -23.29 27.58 22.07
C ILE B 412 -23.12 26.87 23.37
N ARG B 413 -21.88 26.75 23.82
CA ARG B 413 -21.55 26.03 25.04
C ARG B 413 -21.50 26.93 26.26
N PRO B 414 -21.87 26.42 27.42
CA PRO B 414 -22.04 27.27 28.60
C PRO B 414 -20.78 27.99 28.95
N THR B 415 -19.64 27.34 28.87
CA THR B 415 -18.40 28.06 29.22
C THR B 415 -17.70 28.61 28.02
N GLY B 416 -18.43 28.84 26.94
CA GLY B 416 -17.87 29.41 25.72
C GLY B 416 -16.82 28.62 24.95
N LEU B 417 -16.59 27.33 25.27
CA LEU B 417 -15.59 26.55 24.55
C LEU B 417 -15.96 26.53 23.08
N LEU B 418 -14.97 26.73 22.23
CA LEU B 418 -15.15 26.85 20.80
C LEU B 418 -14.76 25.61 20.06
N ASP B 419 -15.44 25.36 18.95
CA ASP B 419 -14.99 24.33 18.04
C ASP B 419 -13.54 24.72 17.64
N PRO B 420 -12.63 23.75 17.54
CA PRO B 420 -11.22 24.05 17.36
C PRO B 420 -10.78 24.61 16.01
N THR B 421 -9.55 25.11 15.92
CA THR B 421 -8.97 25.44 14.64
C THR B 421 -8.49 24.11 13.99
N ILE B 422 -8.38 24.12 12.66
CA ILE B 422 -7.94 22.98 11.88
C ILE B 422 -6.86 23.37 10.87
N ASP B 423 -5.75 22.66 10.88
CA ASP B 423 -4.71 22.87 9.89
C ASP B 423 -4.62 21.62 9.07
N VAL B 424 -4.42 21.73 7.76
CA VAL B 424 -4.14 20.53 7.05
C VAL B 424 -2.72 20.59 6.51
N ARG B 425 -2.01 19.49 6.62
CA ARG B 425 -0.61 19.46 6.23
C ARG B 425 -0.27 18.29 5.36
N PRO B 426 0.82 18.43 4.59
CA PRO B 426 1.29 17.38 3.66
C PRO B 426 1.73 16.17 4.46
N THR B 427 1.76 15.00 3.84
CA THR B 427 2.18 13.76 4.51
C THR B 427 3.71 13.68 4.56
N LYS B 428 4.37 14.33 3.63
CA LYS B 428 5.83 14.30 3.62
C LYS B 428 6.29 14.94 4.90
N GLY B 429 7.04 14.22 5.71
CA GLY B 429 7.55 14.74 6.95
C GLY B 429 6.45 14.70 8.00
N GLN B 430 5.35 14.03 7.73
CA GLN B 430 4.25 14.08 8.67
C GLN B 430 4.56 13.55 10.05
N ILE B 431 5.48 12.61 10.16
CA ILE B 431 5.76 12.08 11.48
C ILE B 431 6.65 13.00 12.32
N ASP B 432 7.72 13.50 11.75
CA ASP B 432 8.51 14.43 12.51
C ASP B 432 7.77 15.76 12.83
N ASP B 433 6.75 16.10 12.03
CA ASP B 433 5.97 17.30 12.25
C ASP B 433 5.02 16.94 13.41
N LEU B 434 4.47 15.71 13.41
CA LEU B 434 3.56 15.38 14.48
C LEU B 434 4.28 15.22 15.82
N ILE B 435 5.56 14.82 15.78
CA ILE B 435 6.30 14.66 17.02
C ILE B 435 6.45 16.05 17.62
N GLY B 436 6.94 17.00 16.83
CA GLY B 436 7.12 18.34 17.35
C GLY B 436 5.84 18.90 17.96
N GLU B 437 4.68 18.64 17.36
CA GLU B 437 3.47 19.22 17.88
C GLU B 437 3.11 18.58 19.25
N ILE B 438 3.32 17.27 19.37
CA ILE B 438 3.02 16.54 20.60
C ILE B 438 3.98 16.94 21.71
N ARG B 439 5.26 17.08 21.38
CA ARG B 439 6.24 17.50 22.38
C ARG B 439 5.82 18.84 23.01
N GLU B 440 5.29 19.76 22.20
CA GLU B 440 4.78 21.05 22.71
C GLU B 440 3.55 20.87 23.59
N ARG B 441 2.70 19.88 23.30
CA ARG B 441 1.56 19.64 24.13
C ARG B 441 2.04 19.11 25.46
N VAL B 442 2.94 18.11 25.42
CA VAL B 442 3.55 17.57 26.59
C VAL B 442 4.08 18.71 27.49
N GLU B 443 4.90 19.58 26.96
CA GLU B 443 5.40 20.68 27.75
C GLU B 443 4.33 21.56 28.43
N ARG B 444 3.20 21.76 27.77
CA ARG B 444 2.11 22.59 28.30
C ARG B 444 1.12 21.70 29.05
N ASN B 445 1.51 20.45 29.30
CA ASN B 445 0.72 19.49 30.06
C ASN B 445 -0.64 19.22 29.46
N GLU B 446 -0.70 18.96 28.15
CA GLU B 446 -1.99 18.62 27.53
C GLU B 446 -1.80 17.34 26.76
N ARG B 447 -2.91 16.67 26.43
CA ARG B 447 -2.85 15.41 25.68
C ARG B 447 -3.30 15.53 24.21
N THR B 448 -3.01 14.45 23.47
CA THR B 448 -3.22 14.30 22.05
C THR B 448 -3.92 13.00 21.70
N LEU B 449 -4.76 13.02 20.68
CA LEU B 449 -5.39 11.83 20.17
C LEU B 449 -4.93 11.72 18.74
N VAL B 450 -4.43 10.56 18.33
CA VAL B 450 -4.01 10.36 16.95
C VAL B 450 -4.80 9.23 16.35
N THR B 451 -5.35 9.44 15.16
CA THR B 451 -6.06 8.38 14.42
C THR B 451 -5.41 8.03 13.05
N THR B 452 -5.24 6.73 12.81
CA THR B 452 -4.70 6.23 11.54
C THR B 452 -5.76 5.45 10.87
N LEU B 453 -5.56 5.16 9.61
CA LEU B 453 -6.58 4.45 8.88
C LEU B 453 -6.59 2.93 9.11
N THR B 454 -5.41 2.36 9.33
CA THR B 454 -5.25 0.91 9.56
C THR B 454 -4.30 0.62 10.73
N LYS B 455 -4.34 -0.64 11.19
CA LYS B 455 -3.54 -1.16 12.32
C LYS B 455 -2.05 -1.14 12.09
N LYS B 456 -1.59 -1.56 10.91
CA LYS B 456 -0.15 -1.47 10.62
C LYS B 456 0.31 -0.03 10.90
N MET B 457 -0.51 0.93 10.49
CA MET B 457 -0.17 2.33 10.70
C MET B 457 -0.19 2.62 12.20
N ALA B 458 -1.26 2.22 12.89
CA ALA B 458 -1.39 2.46 14.33
C ALA B 458 -0.18 1.98 15.09
N GLU B 459 0.23 0.75 14.76
CA GLU B 459 1.31 0.06 15.42
C GLU B 459 2.68 0.68 15.19
N ASP B 460 2.99 0.98 13.94
CA ASP B 460 4.29 1.59 13.66
C ASP B 460 4.47 2.94 14.32
N LEU B 461 3.36 3.69 14.32
CA LEU B 461 3.34 5.04 14.87
C LEU B 461 3.61 4.99 16.35
N THR B 462 2.95 4.02 17.00
CA THR B 462 3.13 3.87 18.41
C THR B 462 4.61 3.66 18.71
N ASP B 463 5.19 2.60 18.15
CA ASP B 463 6.60 2.34 18.38
C ASP B 463 7.42 3.56 18.01
N TYR B 464 7.24 4.05 16.79
CA TYR B 464 7.94 5.26 16.34
C TYR B 464 7.80 6.43 17.34
N LEU B 465 6.71 6.47 18.07
CA LEU B 465 6.55 7.51 19.08
C LEU B 465 7.31 7.20 20.38
N LYS B 466 7.31 5.93 20.80
CA LYS B 466 8.07 5.50 21.99
C LYS B 466 9.57 5.71 21.74
N GLU B 467 10.01 5.38 20.53
CA GLU B 467 11.39 5.61 20.14
C GLU B 467 11.80 7.06 20.31
N ALA B 468 10.80 7.94 20.24
CA ALA B 468 11.02 9.38 20.39
C ALA B 468 10.88 9.87 21.85
N GLY B 469 10.61 8.93 22.77
CA GLY B 469 10.55 9.22 24.21
C GLY B 469 9.26 9.84 24.71
N ILE B 470 8.15 9.47 24.05
CA ILE B 470 6.83 9.99 24.35
C ILE B 470 6.06 8.81 24.90
N LYS B 471 5.33 9.07 25.97
CA LYS B 471 4.51 8.05 26.60
C LYS B 471 3.22 7.90 25.77
N VAL B 472 3.18 6.82 25.00
CA VAL B 472 2.10 6.56 24.09
C VAL B 472 1.27 5.45 24.67
N ALA B 473 0.14 5.18 24.06
CA ALA B 473 -0.73 4.09 24.48
C ALA B 473 -1.58 3.77 23.28
N TYR B 474 -1.41 2.55 22.76
CA TYR B 474 -2.16 2.11 21.59
C TYR B 474 -3.42 1.40 22.05
N LEU B 475 -4.55 1.91 21.60
CA LEU B 475 -5.82 1.32 21.89
C LEU B 475 -6.23 0.42 20.72
N HIS B 476 -6.04 -0.90 20.95
CA HIS B 476 -6.38 -2.02 20.03
C HIS B 476 -7.89 -2.10 19.78
N SER B 477 -8.26 -2.43 18.54
CA SER B 477 -9.67 -2.54 18.11
C SER B 477 -10.59 -3.35 19.05
N GLU B 478 -10.08 -4.44 19.63
CA GLU B 478 -10.86 -5.16 20.66
C GLU B 478 -10.04 -5.33 21.90
N ILE B 479 -10.47 -4.58 22.91
CA ILE B 479 -9.85 -4.56 24.21
C ILE B 479 -11.05 -4.44 25.17
N LYS B 480 -10.94 -4.97 26.38
CA LYS B 480 -12.08 -4.99 27.31
C LYS B 480 -12.78 -3.63 27.60
N THR B 481 -14.13 -3.58 27.51
CA THR B 481 -14.88 -2.37 27.89
C THR B 481 -14.28 -1.83 29.19
N LEU B 482 -14.00 -2.75 30.13
CA LEU B 482 -13.39 -2.42 31.41
C LEU B 482 -11.91 -2.00 31.33
N GLU B 483 -11.13 -2.59 30.41
CA GLU B 483 -9.73 -2.17 30.23
C GLU B 483 -9.59 -0.81 29.49
N ARG B 484 -10.48 -0.56 28.50
CA ARG B 484 -10.51 0.70 27.76
C ARG B 484 -10.61 1.78 28.80
N ILE B 485 -11.54 1.60 29.75
CA ILE B 485 -11.73 2.59 30.80
C ILE B 485 -10.46 2.81 31.66
N GLU B 486 -9.59 1.81 31.75
CA GLU B 486 -8.36 1.94 32.52
C GLU B 486 -7.29 2.71 31.79
N ILE B 487 -7.28 2.56 30.48
CA ILE B 487 -6.27 3.24 29.67
C ILE B 487 -6.60 4.73 29.59
N ILE B 488 -7.84 5.00 29.22
CA ILE B 488 -8.34 6.35 29.11
C ILE B 488 -8.07 7.06 30.41
N ARG B 489 -8.57 6.50 31.51
CA ARG B 489 -8.34 7.08 32.83
C ARG B 489 -6.87 7.43 33.06
N ASP B 490 -5.97 6.63 32.52
CA ASP B 490 -4.55 6.88 32.74
C ASP B 490 -3.98 7.99 31.87
N LEU B 491 -4.70 8.32 30.81
CA LEU B 491 -4.32 9.42 29.94
C LEU B 491 -4.70 10.71 30.65
N ARG B 492 -5.89 10.71 31.23
CA ARG B 492 -6.36 11.84 32.00
C ARG B 492 -5.33 12.10 33.10
N LEU B 493 -4.96 11.05 33.83
CA LEU B 493 -3.98 11.25 34.89
C LEU B 493 -2.62 11.72 34.39
N GLY B 494 -2.33 11.43 33.10
CA GLY B 494 -1.08 11.79 32.47
C GLY B 494 -0.02 10.72 32.45
N LYS B 495 -0.44 9.47 32.68
CA LYS B 495 0.50 8.34 32.66
C LYS B 495 1.00 8.24 31.21
N TYR B 496 0.07 8.33 30.26
CA TYR B 496 0.41 8.45 28.85
C TYR B 496 0.10 9.91 28.34
N ASP B 497 0.98 10.49 27.52
CA ASP B 497 0.71 11.80 26.92
C ASP B 497 -0.08 11.79 25.60
N VAL B 498 -0.10 10.66 24.88
CA VAL B 498 -0.80 10.51 23.61
C VAL B 498 -1.51 9.18 23.54
N LEU B 499 -2.55 9.06 22.73
CA LEU B 499 -3.16 7.74 22.58
C LEU B 499 -3.55 7.54 21.12
N VAL B 500 -2.97 6.48 20.54
CA VAL B 500 -3.10 6.19 19.13
C VAL B 500 -4.18 5.17 18.99
N GLY B 501 -5.15 5.46 18.17
CA GLY B 501 -6.27 4.57 17.94
C GLY B 501 -6.70 4.66 16.48
N ILE B 502 -7.49 3.69 16.03
CA ILE B 502 -8.01 3.72 14.68
C ILE B 502 -9.34 4.42 14.74
N ASN B 503 -10.23 3.98 15.63
CA ASN B 503 -11.55 4.60 15.75
C ASN B 503 -11.56 5.40 17.05
N LEU B 504 -11.70 6.71 16.91
CA LEU B 504 -11.71 7.59 18.04
C LEU B 504 -13.13 7.92 18.42
N LEU B 505 -14.10 7.56 17.57
CA LEU B 505 -15.51 7.79 17.86
C LEU B 505 -15.99 6.82 18.95
N ARG B 506 -15.08 5.94 19.36
CA ARG B 506 -15.34 4.94 20.40
C ARG B 506 -15.64 5.64 21.73
N GLU B 507 -16.85 5.40 22.23
CA GLU B 507 -17.34 5.95 23.48
C GLU B 507 -16.35 6.09 24.65
N GLY B 508 -16.46 7.20 25.38
CA GLY B 508 -15.64 7.49 26.55
C GLY B 508 -14.38 8.29 26.28
N LEU B 509 -14.18 8.64 25.00
CA LEU B 509 -13.00 9.40 24.61
C LEU B 509 -13.23 10.90 24.70
N ASP B 510 -14.35 11.33 25.28
CA ASP B 510 -14.63 12.76 25.46
C ASP B 510 -13.84 13.32 26.68
N ILE B 511 -12.62 13.79 26.45
CA ILE B 511 -11.70 14.13 27.53
C ILE B 511 -11.22 15.60 27.56
N PRO B 512 -11.49 16.33 28.64
CA PRO B 512 -11.05 17.74 28.66
C PRO B 512 -9.53 17.92 28.52
N GLU B 513 -8.73 16.94 28.92
CA GLU B 513 -7.28 17.09 28.90
C GLU B 513 -6.66 17.07 27.50
N VAL B 514 -7.42 16.57 26.52
CA VAL B 514 -6.97 16.46 25.15
C VAL B 514 -7.09 17.81 24.48
N SER B 515 -5.99 18.39 24.00
CA SER B 515 -6.07 19.67 23.30
C SER B 515 -5.70 19.54 21.78
N LEU B 516 -5.14 18.38 21.38
CA LEU B 516 -4.75 18.09 20.00
C LEU B 516 -5.30 16.81 19.46
N VAL B 517 -5.97 16.85 18.31
CA VAL B 517 -6.46 15.65 17.64
C VAL B 517 -5.83 15.62 16.27
N ALA B 518 -5.01 14.59 16.02
CA ALA B 518 -4.33 14.41 14.73
C ALA B 518 -5.01 13.34 13.89
N ILE B 519 -5.22 13.65 12.61
CA ILE B 519 -5.88 12.74 11.68
C ILE B 519 -4.96 12.46 10.51
N LEU B 520 -4.38 11.25 10.50
CA LEU B 520 -3.49 10.77 9.44
C LEU B 520 -4.42 10.18 8.43
N ASP B 521 -3.96 10.07 7.18
CA ASP B 521 -4.80 9.58 6.12
C ASP B 521 -6.12 10.33 6.07
N ALA B 522 -6.08 11.66 6.22
CA ALA B 522 -7.33 12.42 6.27
C ALA B 522 -8.17 12.33 4.98
N ASP B 523 -7.46 12.27 3.83
CA ASP B 523 -8.09 12.20 2.53
C ASP B 523 -8.38 10.77 1.98
N LYS B 524 -8.05 9.75 2.77
CA LYS B 524 -8.27 8.36 2.33
C LYS B 524 -9.73 7.94 2.39
N GLU B 525 -10.05 6.87 1.68
CA GLU B 525 -11.42 6.36 1.62
C GLU B 525 -11.77 5.59 2.88
N GLY B 526 -13.02 5.73 3.33
CA GLY B 526 -13.46 5.00 4.50
C GLY B 526 -14.44 5.68 5.42
N PHE B 527 -15.30 4.86 6.00
CA PHE B 527 -16.29 5.36 6.92
C PHE B 527 -15.72 6.40 7.89
N LEU B 528 -14.52 6.18 8.40
CA LEU B 528 -13.98 7.10 9.39
C LEU B 528 -13.44 8.39 8.75
N ARG B 529 -13.65 8.57 7.46
CA ARG B 529 -13.17 9.80 6.84
C ARG B 529 -14.28 10.44 6.11
N SER B 530 -15.51 10.11 6.48
CA SER B 530 -16.65 10.69 5.81
C SER B 530 -16.82 12.05 6.41
N GLU B 531 -17.56 12.89 5.71
CA GLU B 531 -17.83 14.21 6.27
C GLU B 531 -18.27 14.02 7.72
N ARG B 532 -19.24 13.14 7.96
CA ARG B 532 -19.74 13.00 9.29
C ARG B 532 -18.74 12.52 10.31
N SER B 533 -17.95 11.53 9.95
CA SER B 533 -16.99 11.02 10.90
C SER B 533 -15.97 12.07 11.28
N LEU B 534 -15.59 12.90 10.29
CA LEU B 534 -14.59 13.93 10.48
C LEU B 534 -15.09 14.93 11.51
N ILE B 535 -16.30 15.46 11.28
CA ILE B 535 -16.93 16.38 12.22
C ILE B 535 -16.99 15.71 13.60
N GLN B 536 -17.47 14.46 13.72
CA GLN B 536 -17.47 13.86 15.05
C GLN B 536 -16.04 13.77 15.66
N THR B 537 -15.02 13.59 14.84
CA THR B 537 -13.67 13.44 15.35
C THR B 537 -13.08 14.80 15.73
N ILE B 538 -13.42 15.85 14.97
CA ILE B 538 -12.96 17.18 15.24
C ILE B 538 -13.47 17.58 16.60
N GLY B 539 -14.70 17.20 16.94
CA GLY B 539 -15.28 17.53 18.22
C GLY B 539 -14.52 16.92 19.37
N ARG B 540 -13.60 15.99 19.18
CA ARG B 540 -12.91 15.52 20.37
C ARG B 540 -11.91 16.55 20.87
N ALA B 541 -11.81 17.67 20.16
CA ALA B 541 -10.87 18.68 20.55
C ALA B 541 -11.64 19.87 21.07
N ALA B 542 -12.96 19.77 21.07
CA ALA B 542 -13.79 20.89 21.46
C ALA B 542 -13.97 21.01 22.97
N ARG B 543 -13.39 20.12 23.77
CA ARG B 543 -13.53 20.25 25.23
C ARG B 543 -12.43 21.07 25.87
N ASN B 544 -11.41 21.41 25.10
CA ASN B 544 -10.29 22.12 25.68
C ASN B 544 -10.18 23.52 25.15
N ALA B 545 -9.95 24.51 26.00
CA ALA B 545 -9.85 25.88 25.48
C ALA B 545 -8.76 26.05 24.46
N ASN B 546 -7.79 25.15 24.39
CA ASN B 546 -6.78 25.27 23.32
C ASN B 546 -6.92 24.25 22.21
N GLY B 547 -8.07 23.57 22.13
CA GLY B 547 -8.30 22.54 21.15
C GLY B 547 -7.83 22.89 19.76
N HIS B 548 -7.09 22.00 19.13
CA HIS B 548 -6.64 22.18 17.78
C HIS B 548 -6.67 20.82 17.02
N VAL B 549 -6.97 20.87 15.71
CA VAL B 549 -7.00 19.67 14.90
C VAL B 549 -5.98 19.75 13.77
N ILE B 550 -5.13 18.73 13.64
CA ILE B 550 -4.23 18.68 12.47
C ILE B 550 -4.63 17.50 11.58
N MET B 551 -4.89 17.81 10.31
CA MET B 551 -5.22 16.80 9.30
C MET B 551 -4.00 16.65 8.37
N TYR B 552 -3.53 15.42 8.18
CA TYR B 552 -2.39 15.12 7.28
C TYR B 552 -2.91 14.52 5.99
N ALA B 553 -2.58 15.14 4.85
CA ALA B 553 -3.11 14.77 3.54
C ALA B 553 -2.38 15.42 2.38
N ASP B 554 -2.49 14.78 1.21
CA ASP B 554 -1.92 15.33 -0.03
C ASP B 554 -3.03 16.00 -0.81
N THR B 555 -4.25 15.83 -0.34
CA THR B 555 -5.38 16.33 -1.07
C THR B 555 -6.45 16.81 -0.14
N ILE B 556 -7.34 17.68 -0.62
CA ILE B 556 -8.50 18.03 0.19
C ILE B 556 -9.72 17.42 -0.45
N THR B 557 -10.23 16.37 0.17
CA THR B 557 -11.44 15.68 -0.34
C THR B 557 -12.66 16.48 -0.11
N LYS B 558 -13.79 16.00 -0.61
CA LYS B 558 -15.03 16.74 -0.42
C LYS B 558 -15.39 16.59 1.08
N SER B 559 -15.23 15.41 1.62
CA SER B 559 -15.50 15.23 3.05
C SER B 559 -14.71 16.19 3.88
N MET B 560 -13.41 16.31 3.60
CA MET B 560 -12.58 17.21 4.40
C MET B 560 -13.07 18.61 4.26
N GLU B 561 -13.46 19.02 3.05
CA GLU B 561 -13.91 20.39 2.94
C GLU B 561 -15.21 20.68 3.67
N ILE B 562 -16.17 19.76 3.59
CA ILE B 562 -17.42 20.09 4.24
C ILE B 562 -17.21 20.16 5.76
N ALA B 563 -16.35 19.29 6.28
CA ALA B 563 -16.04 19.29 7.71
C ALA B 563 -15.30 20.54 8.14
N ILE B 564 -14.38 21.01 7.29
CA ILE B 564 -13.63 22.16 7.70
C ILE B 564 -14.55 23.34 7.68
N GLN B 565 -15.33 23.48 6.61
CA GLN B 565 -16.29 24.60 6.53
C GLN B 565 -17.30 24.57 7.71
N GLU B 566 -17.90 23.42 8.03
CA GLU B 566 -18.86 23.38 9.13
C GLU B 566 -18.23 23.88 10.44
N THR B 567 -17.00 23.42 10.68
CA THR B 567 -16.28 23.76 11.88
C THR B 567 -16.00 25.24 11.96
N LYS B 568 -15.54 25.81 10.86
CA LYS B 568 -15.22 27.22 10.77
C LYS B 568 -16.47 28.02 11.04
N ARG B 569 -17.62 27.56 10.52
CA ARG B 569 -18.92 28.24 10.72
C ARG B 569 -19.30 28.24 12.20
N ARG B 570 -19.15 27.11 12.86
CA ARG B 570 -19.54 26.97 14.24
C ARG B 570 -18.66 27.90 15.08
N ARG B 571 -17.34 27.80 14.95
CA ARG B 571 -16.43 28.70 15.65
C ARG B 571 -16.78 30.20 15.59
N ALA B 572 -17.03 30.69 14.37
CA ALA B 572 -17.28 32.11 14.20
C ALA B 572 -18.52 32.55 14.99
N ILE B 573 -19.59 31.74 14.87
CA ILE B 573 -20.83 31.97 15.61
C ILE B 573 -20.47 31.96 17.11
N GLN B 574 -19.77 30.92 17.58
CA GLN B 574 -19.40 30.86 18.97
C GLN B 574 -18.58 32.10 19.40
N GLU B 575 -17.67 32.55 18.56
CA GLU B 575 -16.81 33.71 18.90
C GLU B 575 -17.64 34.99 18.97
N GLU B 576 -18.54 35.14 18.02
CA GLU B 576 -19.43 36.28 18.06
C GLU B 576 -20.19 36.25 19.43
N TYR B 577 -20.69 35.08 19.84
CA TYR B 577 -21.37 34.97 21.12
C TYR B 577 -20.49 35.36 22.32
N ASN B 578 -19.27 34.83 22.39
CA ASN B 578 -18.41 35.19 23.52
C ASN B 578 -18.10 36.71 23.63
N ARG B 579 -18.04 37.40 22.51
CA ARG B 579 -17.64 38.78 22.49
C ARG B 579 -18.83 39.55 23.04
N LYS B 580 -20.02 39.23 22.55
CA LYS B 580 -21.24 39.91 22.96
C LYS B 580 -21.59 39.79 24.49
N HIS B 581 -21.16 38.68 25.12
CA HIS B 581 -21.47 38.43 26.54
C HIS B 581 -20.27 38.40 27.45
N GLY B 582 -19.10 38.72 26.91
CA GLY B 582 -17.93 38.78 27.77
C GLY B 582 -17.54 37.48 28.43
N ILE B 583 -17.66 36.41 27.64
CA ILE B 583 -17.31 35.06 28.00
C ILE B 583 -15.90 34.75 27.52
N VAL B 584 -15.03 34.37 28.45
CA VAL B 584 -13.68 33.91 28.09
C VAL B 584 -13.75 32.38 28.11
N PRO B 585 -13.43 31.70 27.03
CA PRO B 585 -13.56 30.23 27.04
C PRO B 585 -12.64 29.55 28.07
N ARG B 586 -13.14 28.67 28.94
CA ARG B 586 -12.23 27.90 29.79
C ARG B 586 -12.64 26.46 29.89
N THR B 587 -11.62 25.60 30.00
CA THR B 587 -11.77 24.14 30.08
C THR B 587 -12.56 23.70 31.33
N VAL B 588 -13.67 22.98 31.08
CA VAL B 588 -14.55 22.40 32.09
C VAL B 588 -13.78 21.47 33.04
N LYS B 589 -13.93 21.64 34.34
CA LYS B 589 -13.24 20.73 35.25
C LYS B 589 -14.00 19.42 35.38
N LYS B 590 -13.25 18.33 35.53
CA LYS B 590 -13.85 17.03 35.75
C LYS B 590 -12.99 16.19 36.68
N GLU B 591 -13.67 15.53 37.62
CA GLU B 591 -13.02 14.67 38.61
C GLU B 591 -12.64 13.34 37.98
N ILE B 592 -11.44 12.84 38.31
CA ILE B 592 -11.00 11.56 37.78
C ILE B 592 -11.37 10.42 38.76
N ARG B 593 -12.23 9.50 38.30
CA ARG B 593 -12.69 8.36 39.11
C ARG B 593 -11.62 7.30 39.40
N ASP B 594 -11.97 6.37 40.29
CA ASP B 594 -11.08 5.27 40.70
C ASP B 594 -11.40 3.89 40.07
N VAL B 595 -12.61 3.35 40.33
CA VAL B 595 -12.98 2.03 39.82
C VAL B 595 -14.49 1.93 39.57
ZN ZN C . 22.40 7.75 -42.91
ZN ZN D . 36.60 31.51 -20.45
ZN ZN E . -40.07 10.30 2.48
ZN ZN F . -27.70 36.50 24.96
#